data_7PC9
#
_entry.id   7PC9
#
_cell.length_a   59.990
_cell.length_b   99.850
_cell.length_c   173.340
_cell.angle_alpha   90.000
_cell.angle_beta   90.000
_cell.angle_gamma   90.000
#
_symmetry.space_group_name_H-M   'P 21 21 21'
#
loop_
_entity.id
_entity.type
_entity.pdbx_description
1 polymer 'Synaptojanin-2-binding protein,Annexin A2'
2 polymer 'Protein Tax-1'
3 non-polymer 'CALCIUM ION'
4 water water
#
loop_
_entity_poly.entity_id
_entity_poly.type
_entity_poly.pdbx_seq_one_letter_code
_entity_poly.pdbx_strand_id
1 'polypeptide(L)'
;GSHMDYLVTEEEINLTRGPSGLGFNIVGGTDQQYVSNDSGIYVSRIKENGAAALDGRLQEGDKILSVNGQDLKNLLHQDA
VDLFRNAGYAVSLRVQHRLQVQGSAYTNFDAERDALNIETAIKTKGVDEVTIVNILTNRSNEQRQDIAFAYQRRTKKELA
SALKSALSGHLETVILGLLKTPAQYDASELKASMKGLGTDEDSLIEIICSRTNQELQEINRVYKEMYKTDLEKDIISDTS
GDFRKLMVALAKGRRAEDGSVIDYELIDQDARDLYDAGVKRKGTDVPKWISIMTERSVPHLQKVFDRYKSYSPYDMLESI
RKEVKGDLENAFLNLVQCIQNKPLYFADRLYDSMKGKGTRDKVLIRIMVSRSEVDMLKIRSEFKRKYGKSLYYYIQQDTK
GDYQKALLYLCGGDD
;
B,A
2 'polypeptide(L)' SEKHFRETEV C
#
loop_
_chem_comp.id
_chem_comp.type
_chem_comp.name
_chem_comp.formula
CA non-polymer 'CALCIUM ION' 'Ca 2'
#
# COMPACT_ATOMS: atom_id res chain seq x y z
N THR A 9 22.33 -6.61 -11.13
CA THR A 9 23.08 -7.40 -10.15
C THR A 9 23.05 -6.75 -8.76
N GLU A 10 23.05 -7.57 -7.72
CA GLU A 10 22.95 -7.11 -6.34
C GLU A 10 24.12 -7.65 -5.53
N GLU A 11 24.79 -6.74 -4.82
CA GLU A 11 25.97 -7.07 -4.03
C GLU A 11 25.89 -6.35 -2.69
N GLU A 12 26.26 -7.05 -1.62
CA GLU A 12 26.34 -6.45 -0.30
C GLU A 12 27.74 -5.90 -0.06
N ILE A 13 27.82 -4.63 0.30
CA ILE A 13 29.08 -3.91 0.45
C ILE A 13 29.21 -3.46 1.90
N ASN A 14 30.34 -3.78 2.52
CA ASN A 14 30.64 -3.39 3.89
C ASN A 14 31.76 -2.37 3.89
N LEU A 15 31.50 -1.20 4.48
CA LEU A 15 32.44 -0.09 4.51
C LEU A 15 32.72 0.31 5.95
N THR A 16 33.86 0.98 6.13
CA THR A 16 34.28 1.52 7.43
C THR A 16 34.27 3.04 7.34
N ARG A 17 33.47 3.68 8.18
CA ARG A 17 33.32 5.13 8.12
C ARG A 17 34.55 5.83 8.69
N GLY A 18 34.97 6.90 8.01
CA GLY A 18 36.04 7.75 8.50
C GLY A 18 35.51 9.11 8.89
N PRO A 19 36.41 10.01 9.31
CA PRO A 19 35.97 11.36 9.71
C PRO A 19 35.31 12.16 8.59
N SER A 20 35.42 11.73 7.34
CA SER A 20 34.79 12.42 6.21
C SER A 20 33.56 11.69 5.69
N GLY A 21 33.01 10.78 6.47
CA GLY A 21 31.81 10.05 6.08
C GLY A 21 32.12 8.70 5.45
N LEU A 22 31.14 8.21 4.70
CA LEU A 22 31.31 6.95 3.98
C LEU A 22 31.95 7.13 2.62
N GLY A 23 31.99 8.34 2.10
CA GLY A 23 32.71 8.64 0.88
C GLY A 23 31.90 8.60 -0.41
N PHE A 24 30.61 8.88 -0.35
CA PHE A 24 29.81 8.93 -1.58
C PHE A 24 28.62 9.87 -1.37
N ASN A 25 28.09 10.38 -2.48
CA ASN A 25 26.95 11.27 -2.48
C ASN A 25 25.69 10.50 -2.88
N ILE A 26 24.55 10.91 -2.32
CA ILE A 26 23.28 10.25 -2.61
C ILE A 26 22.31 11.26 -3.20
N VAL A 27 21.39 10.75 -4.03
CA VAL A 27 20.31 11.53 -4.59
C VAL A 27 19.04 10.68 -4.55
N GLY A 28 17.90 11.33 -4.69
CA GLY A 28 16.63 10.64 -4.72
C GLY A 28 15.84 10.81 -3.43
N GLY A 29 14.78 10.02 -3.34
CA GLY A 29 13.83 10.08 -2.24
C GLY A 29 12.42 10.35 -2.73
N THR A 30 11.49 10.26 -1.78
CA THR A 30 10.09 10.50 -2.12
C THR A 30 9.84 11.96 -2.49
N ASP A 31 10.65 12.88 -1.98
CA ASP A 31 10.52 14.29 -2.30
C ASP A 31 11.33 14.72 -3.53
N GLN A 32 12.13 13.82 -4.09
CA GLN A 32 12.78 14.08 -5.37
C GLN A 32 11.95 13.45 -6.49
N GLN A 33 12.25 12.19 -6.83
CA GLN A 33 11.48 11.41 -7.79
C GLN A 33 11.56 11.96 -9.22
N TYR A 34 11.83 13.25 -9.38
CA TYR A 34 12.04 13.80 -10.71
C TYR A 34 13.47 13.62 -11.20
N VAL A 35 14.37 13.12 -10.34
CA VAL A 35 15.73 12.82 -10.76
C VAL A 35 15.94 11.33 -11.05
N SER A 36 15.04 10.45 -10.58
CA SER A 36 15.21 9.01 -10.74
C SER A 36 13.97 8.28 -11.23
N ASN A 37 12.82 8.95 -11.36
CA ASN A 37 11.53 8.40 -11.78
C ASN A 37 10.92 7.48 -10.74
N ASP A 38 11.55 7.29 -9.59
CA ASP A 38 10.98 6.55 -8.47
C ASP A 38 11.49 7.17 -7.18
N SER A 39 11.18 6.53 -6.05
CA SER A 39 11.49 7.06 -4.73
C SER A 39 12.80 6.52 -4.15
N GLY A 40 13.61 5.82 -4.96
CA GLY A 40 14.79 5.16 -4.44
C GLY A 40 15.95 6.11 -4.20
N ILE A 41 16.90 5.62 -3.39
CA ILE A 41 18.13 6.33 -3.09
C ILE A 41 19.23 5.77 -3.99
N TYR A 42 19.97 6.67 -4.65
CA TYR A 42 20.98 6.27 -5.62
C TYR A 42 22.31 6.96 -5.31
N VAL A 43 23.41 6.28 -5.65
CA VAL A 43 24.75 6.82 -5.52
C VAL A 43 25.06 7.64 -6.76
N SER A 44 25.38 8.92 -6.58
CA SER A 44 25.64 9.83 -7.69
C SER A 44 27.11 10.09 -7.92
N ARG A 45 27.94 10.02 -6.88
CA ARG A 45 29.36 10.32 -7.00
C ARG A 45 30.10 9.63 -5.85
N ILE A 46 31.31 9.18 -6.13
CA ILE A 46 32.17 8.51 -5.14
C ILE A 46 33.40 9.40 -4.92
N LYS A 47 33.53 9.93 -3.71
CA LYS A 47 34.66 10.79 -3.38
C LYS A 47 35.95 9.97 -3.31
N GLU A 48 37.00 10.49 -3.93
CA GLU A 48 38.29 9.81 -3.90
C GLU A 48 38.86 9.80 -2.49
N ASN A 49 39.55 8.71 -2.15
CA ASN A 49 40.15 8.41 -0.86
C ASN A 49 39.10 8.15 0.22
N GLY A 50 37.81 8.19 -0.11
CA GLY A 50 36.79 7.78 0.83
C GLY A 50 36.71 6.27 0.94
N ALA A 51 35.93 5.81 1.92
CA ALA A 51 35.81 4.38 2.17
C ALA A 51 35.28 3.64 0.95
N ALA A 52 34.25 4.18 0.31
CA ALA A 52 33.67 3.55 -0.87
C ALA A 52 34.61 3.57 -2.06
N ALA A 53 35.56 4.52 -2.10
CA ALA A 53 36.49 4.58 -3.21
C ALA A 53 37.54 3.48 -3.13
N LEU A 54 38.15 3.30 -1.95
CA LEU A 54 39.18 2.27 -1.82
C LEU A 54 38.59 0.87 -1.83
N ASP A 55 37.31 0.72 -1.47
CA ASP A 55 36.67 -0.60 -1.53
C ASP A 55 36.49 -1.05 -2.97
N GLY A 56 36.04 -0.15 -3.84
CA GLY A 56 35.97 -0.41 -5.26
C GLY A 56 34.72 -1.11 -5.75
N ARG A 57 33.82 -1.52 -4.85
CA ARG A 57 32.61 -2.21 -5.26
C ARG A 57 31.46 -1.25 -5.56
N LEU A 58 31.34 -0.17 -4.80
CA LEU A 58 30.26 0.79 -5.01
C LEU A 58 30.49 1.58 -6.29
N GLN A 59 29.46 1.69 -7.12
CA GLN A 59 29.52 2.40 -8.39
C GLN A 59 28.57 3.59 -8.37
N GLU A 60 28.84 4.55 -9.25
CA GLU A 60 27.90 5.65 -9.46
C GLU A 60 26.69 5.13 -10.24
N GLY A 61 25.50 5.39 -9.70
CA GLY A 61 24.27 4.89 -10.28
C GLY A 61 23.67 3.70 -9.55
N ASP A 62 24.36 3.16 -8.56
CA ASP A 62 23.81 2.06 -7.78
C ASP A 62 22.58 2.52 -7.00
N LYS A 63 21.63 1.61 -6.82
CA LYS A 63 20.47 1.84 -5.97
C LYS A 63 20.71 1.21 -4.61
N ILE A 64 20.63 2.03 -3.55
CA ILE A 64 20.84 1.58 -2.19
C ILE A 64 19.55 0.89 -1.73
N LEU A 65 19.55 -0.45 -1.71
CA LEU A 65 18.36 -1.18 -1.30
C LEU A 65 18.28 -1.33 0.21
N SER A 66 19.41 -1.56 0.88
CA SER A 66 19.44 -1.79 2.32
C SER A 66 20.63 -1.06 2.94
N VAL A 67 20.47 -0.68 4.21
CA VAL A 67 21.54 -0.07 5.00
C VAL A 67 21.52 -0.68 6.39
N ASN A 68 22.67 -1.23 6.80
CA ASN A 68 22.81 -1.93 8.08
C ASN A 68 21.75 -3.00 8.26
N GLY A 69 21.27 -3.54 7.15
CA GLY A 69 20.26 -4.55 7.21
C GLY A 69 18.86 -4.04 7.52
N GLN A 70 18.45 -2.98 6.82
CA GLN A 70 17.06 -2.55 6.84
C GLN A 70 16.73 -1.99 5.46
N ASP A 71 15.65 -2.50 4.86
CA ASP A 71 15.30 -2.13 3.50
C ASP A 71 14.83 -0.68 3.46
N LEU A 72 15.51 0.15 2.66
CA LEU A 72 15.08 1.52 2.45
C LEU A 72 13.76 1.54 1.70
N LYS A 73 12.78 2.26 2.24
CA LYS A 73 11.43 2.20 1.69
C LYS A 73 10.71 3.50 2.01
N ASN A 74 10.35 4.25 0.96
CA ASN A 74 9.56 5.48 1.08
C ASN A 74 10.20 6.47 2.05
N LEU A 75 11.46 6.79 1.77
CA LEU A 75 12.24 7.71 2.60
C LEU A 75 12.36 9.06 1.89
N LEU A 76 12.15 10.14 2.65
CA LEU A 76 12.52 11.45 2.16
C LEU A 76 14.04 11.53 2.03
N HIS A 77 14.52 12.52 1.26
CA HIS A 77 15.96 12.63 1.04
C HIS A 77 16.70 12.87 2.34
N GLN A 78 16.16 13.70 3.23
CA GLN A 78 16.82 13.96 4.51
C GLN A 78 16.73 12.76 5.44
N ASP A 79 15.69 11.94 5.30
CA ASP A 79 15.60 10.72 6.11
C ASP A 79 16.67 9.70 5.70
N ALA A 80 17.03 9.66 4.42
CA ALA A 80 18.13 8.81 4.00
C ALA A 80 19.47 9.35 4.48
N VAL A 81 19.63 10.68 4.48
CA VAL A 81 20.86 11.29 4.98
C VAL A 81 21.01 11.04 6.48
N ASP A 82 19.92 11.12 7.23
CA ASP A 82 19.97 10.81 8.66
C ASP A 82 20.25 9.32 8.89
N LEU A 83 19.77 8.46 7.99
CA LEU A 83 20.02 7.03 8.12
C LEU A 83 21.49 6.70 7.88
N PHE A 84 22.12 7.39 6.92
CA PHE A 84 23.54 7.13 6.64
C PHE A 84 24.46 7.70 7.71
N ARG A 85 24.02 8.75 8.42
CA ARG A 85 24.87 9.36 9.43
C ARG A 85 24.77 8.66 10.78
N ASN A 86 23.67 7.97 11.05
CA ASN A 86 23.47 7.26 12.32
C ASN A 86 23.69 5.76 12.18
N ALA A 87 24.29 5.32 11.07
CA ALA A 87 24.51 3.90 10.81
C ALA A 87 25.71 3.34 11.56
N GLY A 88 26.50 4.19 12.21
CA GLY A 88 27.72 3.73 12.84
C GLY A 88 28.90 3.80 11.89
N TYR A 89 30.03 3.27 12.36
CA TYR A 89 31.24 3.28 11.56
C TYR A 89 31.35 2.09 10.63
N ALA A 90 30.81 0.93 11.02
CA ALA A 90 30.77 -0.26 10.18
C ALA A 90 29.38 -0.37 9.57
N VAL A 91 29.26 -0.05 8.30
CA VAL A 91 27.98 0.04 7.60
C VAL A 91 27.96 -1.02 6.51
N SER A 92 26.85 -1.77 6.43
CA SER A 92 26.62 -2.72 5.35
C SER A 92 25.59 -2.14 4.39
N LEU A 93 25.87 -2.23 3.10
CA LEU A 93 24.98 -1.70 2.07
C LEU A 93 24.67 -2.81 1.08
N ARG A 94 23.38 -3.09 0.89
CA ARG A 94 22.92 -3.98 -0.18
C ARG A 94 22.50 -3.09 -1.35
N VAL A 95 23.29 -3.11 -2.42
CA VAL A 95 23.11 -2.18 -3.53
C VAL A 95 22.57 -2.93 -4.75
N GLN A 96 22.31 -2.20 -5.83
CA GLN A 96 21.90 -2.76 -7.11
C GLN A 96 22.72 -2.09 -8.19
N HIS A 97 23.62 -2.85 -8.82
CA HIS A 97 24.50 -2.30 -9.86
C HIS A 97 23.79 -2.17 -11.21
N ASN A 108 16.59 2.54 -20.40
CA ASN A 108 15.87 2.07 -19.22
C ASN A 108 16.20 0.62 -18.91
N PHE A 109 16.76 0.37 -17.72
CA PHE A 109 16.92 -1.01 -17.27
C PHE A 109 15.57 -1.73 -17.18
N ASP A 110 14.49 -1.00 -16.90
CA ASP A 110 13.15 -1.58 -16.97
C ASP A 110 12.81 -2.00 -18.38
N ALA A 111 13.06 -1.13 -19.35
CA ALA A 111 12.80 -1.48 -20.75
C ALA A 111 13.67 -2.67 -21.18
N GLU A 112 14.93 -2.69 -20.75
CA GLU A 112 15.80 -3.82 -21.07
C GLU A 112 15.25 -5.13 -20.50
N ARG A 113 14.74 -5.09 -19.27
CA ARG A 113 14.18 -6.29 -18.67
C ARG A 113 12.89 -6.71 -19.37
N ASP A 114 12.01 -5.74 -19.65
CA ASP A 114 10.76 -6.06 -20.34
C ASP A 114 11.03 -6.61 -21.74
N ALA A 115 12.03 -6.06 -22.42
CA ALA A 115 12.38 -6.57 -23.74
C ALA A 115 12.86 -8.02 -23.66
N LEU A 116 13.73 -8.33 -22.69
CA LEU A 116 14.24 -9.68 -22.56
C LEU A 116 13.12 -10.66 -22.25
N ASN A 117 12.22 -10.30 -21.34
CA ASN A 117 11.13 -11.22 -20.99
C ASN A 117 10.16 -11.40 -22.15
N ILE A 118 9.89 -10.34 -22.91
CA ILE A 118 9.05 -10.50 -24.11
C ILE A 118 9.72 -11.44 -25.09
N GLU A 119 11.05 -11.32 -25.27
CA GLU A 119 11.75 -12.22 -26.18
C GLU A 119 11.62 -13.67 -25.73
N THR A 120 11.92 -13.95 -24.46
CA THR A 120 11.78 -15.32 -23.96
C THR A 120 10.33 -15.79 -24.04
N ALA A 121 9.38 -14.87 -23.90
CA ALA A 121 7.98 -15.22 -24.06
C ALA A 121 7.66 -15.60 -25.50
N ILE A 122 8.19 -14.84 -26.45
CA ILE A 122 7.97 -15.14 -27.87
C ILE A 122 8.62 -16.46 -28.25
N LYS A 123 9.79 -16.73 -27.68
CA LYS A 123 10.56 -17.93 -28.01
C LYS A 123 10.28 -19.09 -27.06
N THR A 124 9.29 -18.95 -26.18
CA THR A 124 8.84 -20.07 -25.36
C THR A 124 7.96 -20.99 -26.19
N LYS A 125 8.12 -22.30 -26.01
CA LYS A 125 7.35 -23.28 -26.76
C LYS A 125 5.86 -23.02 -26.59
N GLY A 126 5.19 -22.73 -27.70
CA GLY A 126 3.79 -22.36 -27.70
C GLY A 126 3.51 -20.88 -27.51
N VAL A 127 4.55 -20.07 -27.29
CA VAL A 127 4.47 -18.63 -27.11
C VAL A 127 3.75 -18.29 -25.80
N ASP A 128 4.41 -17.52 -24.94
CA ASP A 128 3.83 -17.07 -23.68
C ASP A 128 3.07 -15.77 -23.96
N GLU A 129 1.86 -15.92 -24.49
CA GLU A 129 1.02 -14.76 -24.78
C GLU A 129 0.60 -14.03 -23.51
N VAL A 130 0.49 -14.75 -22.39
CA VAL A 130 0.08 -14.12 -21.14
C VAL A 130 1.12 -13.09 -20.68
N THR A 131 2.39 -13.46 -20.69
CA THR A 131 3.44 -12.53 -20.25
C THR A 131 3.53 -11.33 -21.17
N ILE A 132 3.35 -11.55 -22.48
CA ILE A 132 3.37 -10.44 -23.43
C ILE A 132 2.27 -9.44 -23.10
N VAL A 133 1.05 -9.92 -22.89
CA VAL A 133 -0.06 -9.04 -22.54
C VAL A 133 0.21 -8.34 -21.20
N ASN A 134 0.66 -9.12 -20.20
CA ASN A 134 0.87 -8.55 -18.87
C ASN A 134 1.91 -7.42 -18.89
N ILE A 135 2.85 -7.47 -19.82
CA ILE A 135 3.84 -6.40 -19.94
C ILE A 135 3.27 -5.22 -20.71
N LEU A 136 2.83 -5.47 -21.96
CA LEU A 136 2.56 -4.37 -22.87
C LEU A 136 1.28 -3.63 -22.52
N THR A 137 0.25 -4.32 -22.02
CA THR A 137 -0.97 -3.62 -21.64
C THR A 137 -0.87 -2.94 -20.28
N ASN A 138 0.24 -3.10 -19.57
CA ASN A 138 0.44 -2.48 -18.27
C ASN A 138 1.63 -1.53 -18.28
N ARG A 139 1.91 -0.96 -19.44
CA ARG A 139 2.99 -0.02 -19.64
C ARG A 139 2.43 1.18 -20.41
N SER A 140 3.00 2.36 -20.15
CA SER A 140 2.54 3.54 -20.88
C SER A 140 3.02 3.47 -22.33
N ASN A 141 2.48 4.36 -23.16
CA ASN A 141 2.86 4.34 -24.57
C ASN A 141 4.34 4.68 -24.75
N GLU A 142 4.83 5.69 -24.03
CA GLU A 142 6.25 6.02 -24.11
C GLU A 142 7.10 4.87 -23.59
N GLN A 143 6.66 4.22 -22.51
CA GLN A 143 7.37 3.05 -22.01
C GLN A 143 7.43 1.95 -23.06
N ARG A 144 6.36 1.78 -23.84
CA ARG A 144 6.37 0.79 -24.90
C ARG A 144 7.38 1.15 -25.99
N GLN A 145 7.52 2.44 -26.31
CA GLN A 145 8.53 2.85 -27.28
C GLN A 145 9.93 2.51 -26.80
N ASP A 146 10.22 2.74 -25.51
CA ASP A 146 11.51 2.34 -24.97
C ASP A 146 11.71 0.84 -25.06
N ILE A 147 10.68 0.06 -24.71
CA ILE A 147 10.78 -1.39 -24.82
C ILE A 147 11.09 -1.81 -26.25
N ALA A 148 10.45 -1.16 -27.23
CA ALA A 148 10.71 -1.48 -28.62
C ALA A 148 12.16 -1.20 -29.00
N PHE A 149 12.71 -0.08 -28.52
CA PHE A 149 14.10 0.24 -28.80
C PHE A 149 15.04 -0.82 -28.24
N ALA A 150 14.83 -1.21 -26.98
CA ALA A 150 15.71 -2.22 -26.37
C ALA A 150 15.56 -3.57 -27.05
N TYR A 151 14.35 -3.91 -27.49
CA TYR A 151 14.15 -5.20 -28.15
C TYR A 151 14.89 -5.26 -29.48
N GLN A 152 14.81 -4.19 -30.26
CA GLN A 152 15.49 -4.17 -31.55
C GLN A 152 17.00 -4.15 -31.39
N ARG A 153 17.52 -3.51 -30.34
CA ARG A 153 18.96 -3.53 -30.12
C ARG A 153 19.44 -4.92 -29.73
N ARG A 154 18.65 -5.64 -28.93
CA ARG A 154 19.09 -6.93 -28.41
C ARG A 154 18.94 -8.03 -29.46
N THR A 155 17.84 -8.03 -30.21
CA THR A 155 17.55 -9.10 -31.15
C THR A 155 17.84 -8.73 -32.60
N LYS A 156 18.05 -7.44 -32.89
CA LYS A 156 18.19 -6.96 -34.26
C LYS A 156 16.95 -7.26 -35.10
N LYS A 157 15.79 -7.33 -34.45
CA LYS A 157 14.51 -7.54 -35.11
C LYS A 157 13.47 -6.61 -34.50
N GLU A 158 12.52 -6.19 -35.32
CA GLU A 158 11.51 -5.22 -34.89
C GLU A 158 10.45 -5.91 -34.05
N LEU A 159 10.12 -5.31 -32.90
CA LEU A 159 9.24 -5.96 -31.93
C LEU A 159 7.86 -6.22 -32.51
N ALA A 160 7.30 -5.23 -33.23
CA ALA A 160 5.97 -5.41 -33.80
C ALA A 160 5.97 -6.52 -34.84
N SER A 161 7.00 -6.55 -35.70
CA SER A 161 7.13 -7.63 -36.66
C SER A 161 7.22 -8.99 -35.97
N ALA A 162 8.00 -9.06 -34.89
CA ALA A 162 8.11 -10.31 -34.15
C ALA A 162 6.76 -10.72 -33.56
N LEU A 163 6.06 -9.77 -32.93
CA LEU A 163 4.75 -10.10 -32.35
C LEU A 163 3.71 -10.37 -33.42
N LYS A 164 3.84 -9.76 -34.61
CA LYS A 164 2.91 -10.07 -35.68
C LYS A 164 2.99 -11.53 -36.09
N SER A 165 4.18 -12.13 -36.03
CA SER A 165 4.29 -13.56 -36.29
C SER A 165 3.87 -14.38 -35.07
N ALA A 166 4.15 -13.88 -33.87
CA ALA A 166 3.91 -14.64 -32.66
C ALA A 166 2.43 -14.67 -32.28
N LEU A 167 1.72 -13.57 -32.47
CA LEU A 167 0.33 -13.46 -32.04
C LEU A 167 -0.60 -13.65 -33.23
N SER A 168 -1.90 -13.65 -32.96
CA SER A 168 -2.90 -13.79 -34.00
C SER A 168 -4.24 -13.26 -33.49
N GLY A 169 -5.19 -13.16 -34.40
CA GLY A 169 -6.56 -12.78 -34.09
C GLY A 169 -6.65 -11.36 -33.57
N HIS A 170 -7.61 -11.15 -32.67
CA HIS A 170 -7.85 -9.81 -32.14
C HIS A 170 -6.75 -9.39 -31.18
N LEU A 171 -6.11 -10.35 -30.51
CA LEU A 171 -4.99 -10.01 -29.64
C LEU A 171 -3.85 -9.38 -30.44
N GLU A 172 -3.57 -9.90 -31.64
CA GLU A 172 -2.58 -9.28 -32.50
C GLU A 172 -2.96 -7.84 -32.83
N THR A 173 -4.24 -7.60 -33.16
CA THR A 173 -4.67 -6.24 -33.46
C THR A 173 -4.42 -5.30 -32.28
N VAL A 174 -4.75 -5.74 -31.07
CA VAL A 174 -4.58 -4.90 -29.88
C VAL A 174 -3.11 -4.61 -29.65
N ILE A 175 -2.30 -5.65 -29.54
CA ILE A 175 -0.89 -5.48 -29.21
C ILE A 175 -0.19 -4.61 -30.24
N LEU A 176 -0.44 -4.89 -31.52
CA LEU A 176 0.20 -4.11 -32.57
C LEU A 176 -0.26 -2.65 -32.55
N GLY A 177 -1.53 -2.40 -32.20
CA GLY A 177 -1.97 -1.03 -32.04
C GLY A 177 -1.25 -0.33 -30.90
N LEU A 178 -1.04 -1.05 -29.79
CA LEU A 178 -0.38 -0.46 -28.64
C LEU A 178 1.08 -0.10 -28.93
N LEU A 179 1.73 -0.80 -29.85
CA LEU A 179 3.13 -0.54 -30.15
C LEU A 179 3.34 0.68 -31.03
N LYS A 180 2.27 1.32 -31.49
CA LYS A 180 2.37 2.57 -32.22
C LYS A 180 2.19 3.75 -31.26
N THR A 181 2.83 4.87 -31.59
CA THR A 181 2.55 6.09 -30.86
C THR A 181 1.10 6.51 -31.11
N PRO A 182 0.54 7.37 -30.26
CA PRO A 182 -0.85 7.80 -30.49
C PRO A 182 -1.07 8.38 -31.87
N ALA A 183 -0.17 9.24 -32.34
CA ALA A 183 -0.34 9.83 -33.67
C ALA A 183 -0.16 8.79 -34.76
N GLN A 184 0.74 7.83 -34.57
CA GLN A 184 0.92 6.78 -35.57
C GLN A 184 -0.32 5.89 -35.65
N TYR A 185 -0.87 5.50 -34.50
CA TYR A 185 -2.05 4.65 -34.50
C TYR A 185 -3.23 5.35 -35.16
N ASP A 186 -3.45 6.62 -34.82
CA ASP A 186 -4.56 7.35 -35.44
C ASP A 186 -4.33 7.51 -36.94
N ALA A 187 -3.10 7.79 -37.35
CA ALA A 187 -2.82 7.95 -38.78
C ALA A 187 -3.04 6.64 -39.52
N SER A 188 -2.62 5.51 -38.92
CA SER A 188 -2.76 4.23 -39.60
C SER A 188 -4.23 3.81 -39.70
N GLU A 189 -5.02 4.07 -38.65
CA GLU A 189 -6.44 3.76 -38.70
C GLU A 189 -7.17 4.65 -39.71
N LEU A 190 -6.73 5.91 -39.86
CA LEU A 190 -7.31 6.76 -40.88
C LEU A 190 -6.98 6.26 -42.28
N LYS A 191 -5.74 5.82 -42.49
CA LYS A 191 -5.36 5.23 -43.77
C LYS A 191 -6.16 3.96 -44.05
N ALA A 192 -6.30 3.11 -43.03
CA ALA A 192 -7.06 1.87 -43.23
C ALA A 192 -8.51 2.14 -43.58
N SER A 193 -9.08 3.25 -43.09
CA SER A 193 -10.48 3.56 -43.34
C SER A 193 -10.71 4.11 -44.75
N MET A 194 -9.65 4.45 -45.48
CA MET A 194 -9.80 4.99 -46.82
C MET A 194 -9.17 4.15 -47.91
N LYS A 195 -8.22 3.26 -47.59
CA LYS A 195 -7.57 2.46 -48.62
C LYS A 195 -8.57 1.50 -49.24
N GLY A 196 -8.45 1.30 -50.55
CA GLY A 196 -9.40 0.51 -51.28
C GLY A 196 -10.57 1.34 -51.78
N LEU A 197 -11.63 0.64 -52.16
CA LEU A 197 -12.84 1.29 -52.66
C LEU A 197 -13.86 1.54 -51.55
N GLY A 198 -14.01 0.60 -50.63
CA GLY A 198 -14.94 0.78 -49.53
C GLY A 198 -14.40 1.66 -48.42
N THR A 199 -14.94 2.87 -48.29
CA THR A 199 -14.54 3.78 -47.23
C THR A 199 -15.27 3.43 -45.94
N ASP A 200 -14.52 3.19 -44.87
CA ASP A 200 -15.08 2.99 -43.54
C ASP A 200 -15.37 4.36 -42.97
N GLU A 201 -16.56 4.89 -43.28
CA GLU A 201 -16.93 6.22 -42.81
C GLU A 201 -17.05 6.26 -41.29
N ASP A 202 -17.51 5.18 -40.68
CA ASP A 202 -17.67 5.17 -39.22
C ASP A 202 -16.33 5.35 -38.53
N SER A 203 -15.28 4.69 -39.01
CA SER A 203 -13.97 4.83 -38.38
C SER A 203 -13.33 6.17 -38.71
N LEU A 204 -13.54 6.65 -39.93
CA LEU A 204 -13.07 7.99 -40.28
C LEU A 204 -13.74 9.05 -39.42
N ILE A 205 -15.08 8.99 -39.32
CA ILE A 205 -15.84 9.95 -38.53
C ILE A 205 -15.42 9.91 -37.07
N GLU A 206 -15.26 8.71 -36.51
CA GLU A 206 -14.95 8.59 -35.08
C GLU A 206 -13.64 9.28 -34.75
N ILE A 207 -12.64 9.16 -35.62
CA ILE A 207 -11.33 9.73 -35.31
C ILE A 207 -11.33 11.24 -35.52
N ILE A 208 -11.84 11.69 -36.67
CA ILE A 208 -11.77 13.11 -37.02
C ILE A 208 -12.62 13.95 -36.06
N CYS A 209 -13.77 13.43 -35.64
CA CYS A 209 -14.66 14.20 -34.77
C CYS A 209 -14.15 14.28 -33.34
N SER A 210 -13.43 13.27 -32.86
CA SER A 210 -13.11 13.16 -31.44
C SER A 210 -11.72 13.67 -31.07
N ARG A 211 -10.90 14.05 -32.05
CA ARG A 211 -9.52 14.41 -31.77
C ARG A 211 -9.40 15.92 -31.55
N THR A 212 -8.45 16.29 -30.69
CA THR A 212 -8.22 17.69 -30.37
C THR A 212 -7.37 18.36 -31.45
N ASN A 213 -7.25 19.68 -31.35
CA ASN A 213 -6.40 20.42 -32.28
C ASN A 213 -4.96 19.92 -32.19
N GLN A 214 -4.45 19.70 -30.98
CA GLN A 214 -3.06 19.25 -30.83
C GLN A 214 -2.89 17.84 -31.39
N GLU A 215 -3.85 16.96 -31.13
CA GLU A 215 -3.79 15.60 -31.68
C GLU A 215 -3.82 15.62 -33.20
N LEU A 216 -4.68 16.45 -33.79
CA LEU A 216 -4.83 16.44 -35.24
C LEU A 216 -3.62 17.06 -35.93
N GLN A 217 -3.03 18.10 -35.33
CA GLN A 217 -1.84 18.68 -35.92
C GLN A 217 -0.70 17.68 -35.96
N GLU A 218 -0.58 16.86 -34.92
CA GLU A 218 0.45 15.83 -34.92
C GLU A 218 0.08 14.66 -35.85
N ILE A 219 -1.22 14.37 -35.97
CA ILE A 219 -1.67 13.34 -36.90
C ILE A 219 -1.38 13.74 -38.34
N ASN A 220 -1.69 14.99 -38.69
CA ASN A 220 -1.38 15.48 -40.04
C ASN A 220 0.12 15.40 -40.31
N ARG A 221 0.95 15.60 -39.28
CA ARG A 221 2.39 15.52 -39.46
C ARG A 221 2.85 14.08 -39.64
N VAL A 222 2.36 13.19 -38.78
CA VAL A 222 2.79 11.79 -38.83
C VAL A 222 2.23 11.11 -40.08
N TYR A 223 1.01 11.44 -40.46
CA TYR A 223 0.43 10.85 -41.66
C TYR A 223 1.29 11.13 -42.89
N LYS A 224 1.75 12.36 -43.05
CA LYS A 224 2.60 12.70 -44.19
C LYS A 224 3.91 11.92 -44.17
N GLU A 225 4.49 11.75 -42.98
CA GLU A 225 5.75 11.01 -42.89
C GLU A 225 5.55 9.54 -43.18
N MET A 226 4.44 8.97 -42.71
CA MET A 226 4.21 7.53 -42.88
C MET A 226 3.82 7.18 -44.31
N TYR A 227 2.97 7.98 -44.94
CA TYR A 227 2.36 7.60 -46.20
C TYR A 227 2.68 8.55 -47.35
N LYS A 228 3.60 9.50 -47.15
CA LYS A 228 4.11 10.39 -48.20
C LYS A 228 2.99 11.18 -48.89
N THR A 229 1.89 11.42 -48.18
CA THR A 229 0.77 12.17 -48.73
C THR A 229 0.05 12.87 -47.58
N ASP A 230 -0.50 14.05 -47.88
CA ASP A 230 -1.25 14.80 -46.88
C ASP A 230 -2.57 14.09 -46.56
N LEU A 231 -2.92 14.07 -45.28
CA LEU A 231 -4.18 13.47 -44.86
C LEU A 231 -5.37 14.11 -45.57
N GLU A 232 -5.31 15.43 -45.77
CA GLU A 232 -6.42 16.13 -46.41
C GLU A 232 -6.67 15.62 -47.82
N LYS A 233 -5.60 15.29 -48.54
CA LYS A 233 -5.75 14.84 -49.93
C LYS A 233 -6.39 13.46 -50.00
N ASP A 234 -6.00 12.54 -49.11
CA ASP A 234 -6.67 11.25 -49.07
C ASP A 234 -8.14 11.39 -48.68
N ILE A 235 -8.46 12.41 -47.87
CA ILE A 235 -9.86 12.65 -47.52
C ILE A 235 -10.64 13.15 -48.73
N ILE A 236 -10.04 14.06 -49.51
CA ILE A 236 -10.73 14.58 -50.69
C ILE A 236 -10.97 13.48 -51.70
N SER A 237 -10.07 12.49 -51.77
CA SER A 237 -10.22 11.40 -52.74
C SER A 237 -11.36 10.47 -52.36
N ASP A 238 -11.49 10.15 -51.07
CA ASP A 238 -12.42 9.13 -50.62
C ASP A 238 -13.76 9.67 -50.15
N THR A 239 -13.97 10.99 -50.20
CA THR A 239 -15.22 11.59 -49.76
C THR A 239 -15.72 12.58 -50.81
N SER A 240 -16.99 12.97 -50.65
CA SER A 240 -17.63 13.88 -51.59
C SER A 240 -18.79 14.57 -50.91
N GLY A 241 -19.23 15.68 -51.51
CA GLY A 241 -20.38 16.39 -50.98
C GLY A 241 -20.06 17.17 -49.72
N ASP A 242 -21.13 17.58 -49.04
CA ASP A 242 -20.97 18.27 -47.76
C ASP A 242 -20.21 17.41 -46.75
N PHE A 243 -20.35 16.09 -46.86
CA PHE A 243 -19.59 15.20 -45.97
C PHE A 243 -18.09 15.43 -46.14
N ARG A 244 -17.62 15.57 -47.38
CA ARG A 244 -16.22 15.86 -47.61
C ARG A 244 -15.83 17.19 -47.00
N LYS A 245 -16.71 18.19 -47.10
CA LYS A 245 -16.40 19.52 -46.60
C LYS A 245 -16.29 19.53 -45.08
N LEU A 246 -17.17 18.80 -44.40
CA LEU A 246 -17.11 18.74 -42.94
C LEU A 246 -15.86 18.01 -42.47
N MET A 247 -15.46 16.95 -43.17
CA MET A 247 -14.30 16.18 -42.74
C MET A 247 -13.01 16.92 -43.01
N VAL A 248 -12.91 17.60 -44.16
CA VAL A 248 -11.72 18.41 -44.44
C VAL A 248 -11.59 19.54 -43.43
N ALA A 249 -12.72 20.14 -43.06
CA ALA A 249 -12.69 21.25 -42.10
C ALA A 249 -12.22 20.77 -40.73
N LEU A 250 -12.75 19.65 -40.26
CA LEU A 250 -12.40 19.16 -38.93
C LEU A 250 -10.94 18.70 -38.86
N ALA A 251 -10.46 18.07 -39.93
CA ALA A 251 -9.11 17.52 -39.92
C ALA A 251 -8.05 18.61 -39.88
N LYS A 252 -8.41 19.84 -40.24
CA LYS A 252 -7.41 20.91 -40.20
C LYS A 252 -6.91 21.16 -38.79
N GLY A 253 -7.72 20.84 -37.78
CA GLY A 253 -7.30 20.96 -36.39
C GLY A 253 -6.96 22.36 -35.96
N ARG A 254 -7.64 23.36 -36.52
CA ARG A 254 -7.41 24.76 -36.18
C ARG A 254 -8.68 25.40 -35.62
N ARG A 255 -9.42 24.63 -34.82
CA ARG A 255 -10.54 25.18 -34.08
C ARG A 255 -10.05 26.27 -33.13
N ALA A 256 -10.89 27.29 -32.92
CA ALA A 256 -10.55 28.34 -31.98
C ALA A 256 -10.26 27.74 -30.60
N GLU A 257 -9.13 28.12 -30.03
CA GLU A 257 -8.79 27.64 -28.69
C GLU A 257 -9.66 28.35 -27.66
N ASP A 258 -9.88 27.68 -26.53
CA ASP A 258 -10.80 28.16 -25.51
C ASP A 258 -10.41 29.56 -25.03
N GLY A 259 -11.21 30.57 -25.40
CA GLY A 259 -10.92 31.90 -24.96
C GLY A 259 -11.18 32.13 -23.48
N SER A 260 -10.55 33.18 -22.97
CA SER A 260 -10.67 33.52 -21.56
C SER A 260 -12.03 34.12 -21.19
N VAL A 261 -12.86 34.49 -22.17
CA VAL A 261 -14.13 35.15 -21.91
C VAL A 261 -15.26 34.32 -22.51
N ILE A 262 -16.43 34.42 -21.89
CA ILE A 262 -17.64 33.81 -22.41
C ILE A 262 -18.38 34.87 -23.24
N ASP A 263 -18.51 34.61 -24.54
CA ASP A 263 -19.14 35.56 -25.45
C ASP A 263 -20.64 35.23 -25.53
N TYR A 264 -21.39 35.77 -24.56
CA TYR A 264 -22.82 35.48 -24.47
C TYR A 264 -23.58 35.96 -25.70
N GLU A 265 -23.24 37.15 -26.21
CA GLU A 265 -23.88 37.63 -27.42
C GLU A 265 -23.66 36.67 -28.59
N LEU A 266 -22.43 36.16 -28.72
CA LEU A 266 -22.15 35.25 -29.82
C LEU A 266 -22.76 33.87 -29.57
N ILE A 267 -22.86 33.45 -28.31
CA ILE A 267 -23.56 32.21 -27.99
C ILE A 267 -25.00 32.26 -28.47
N ASP A 268 -25.69 33.38 -28.22
CA ASP A 268 -27.08 33.49 -28.64
C ASP A 268 -27.19 33.61 -30.15
N GLN A 269 -26.35 34.42 -30.78
CA GLN A 269 -26.41 34.58 -32.22
C GLN A 269 -26.10 33.26 -32.95
N ASP A 270 -25.06 32.55 -32.50
CA ASP A 270 -24.74 31.25 -33.10
C ASP A 270 -25.91 30.28 -32.98
N ALA A 271 -26.58 30.28 -31.82
CA ALA A 271 -27.77 29.44 -31.65
C ALA A 271 -28.86 29.83 -32.65
N ARG A 272 -29.12 31.14 -32.79
CA ARG A 272 -30.08 31.60 -33.79
C ARG A 272 -29.66 31.17 -35.19
N ASP A 273 -28.36 31.28 -35.50
CA ASP A 273 -27.89 30.94 -36.85
C ASP A 273 -28.08 29.45 -37.14
N LEU A 274 -27.84 28.59 -36.14
CA LEU A 274 -28.07 27.15 -36.33
C LEU A 274 -29.55 26.86 -36.55
N TYR A 275 -30.42 27.55 -35.82
CA TYR A 275 -31.86 27.38 -35.99
C TYR A 275 -32.29 27.80 -37.39
N ASP A 276 -31.94 29.03 -37.79
CA ASP A 276 -32.32 29.53 -39.10
C ASP A 276 -31.76 28.68 -40.22
N ALA A 277 -30.60 28.04 -40.00
CA ALA A 277 -29.99 27.24 -41.05
C ALA A 277 -30.68 25.90 -41.26
N GLY A 278 -31.44 25.42 -40.28
CA GLY A 278 -32.00 24.09 -40.36
C GLY A 278 -33.50 24.00 -40.13
N VAL A 279 -33.88 23.78 -38.87
CA VAL A 279 -35.26 23.47 -38.53
C VAL A 279 -36.21 24.55 -39.02
N LYS A 280 -35.79 25.83 -38.95
CA LYS A 280 -36.68 26.93 -39.28
C LYS A 280 -36.95 27.06 -40.77
N ARG A 281 -36.11 26.49 -41.63
CA ARG A 281 -36.24 26.66 -43.07
C ARG A 281 -36.40 25.31 -43.77
N LYS A 282 -36.82 25.36 -45.02
CA LYS A 282 -36.82 24.18 -45.86
C LYS A 282 -35.41 23.88 -46.34
N GLY A 283 -35.04 22.61 -46.34
CA GLY A 283 -33.66 22.29 -46.64
C GLY A 283 -32.77 22.69 -45.48
N THR A 284 -31.48 22.82 -45.78
CA THR A 284 -30.49 23.12 -44.75
C THR A 284 -29.38 23.94 -45.37
N ASP A 285 -28.92 24.96 -44.62
CA ASP A 285 -27.71 25.70 -44.95
C ASP A 285 -26.54 24.97 -44.31
N VAL A 286 -26.14 23.87 -44.94
CA VAL A 286 -25.06 23.04 -44.39
C VAL A 286 -23.76 23.81 -44.21
N PRO A 287 -23.32 24.66 -45.14
CA PRO A 287 -22.11 25.47 -44.87
C PRO A 287 -22.16 26.22 -43.55
N LYS A 288 -23.33 26.79 -43.22
CA LYS A 288 -23.45 27.52 -41.96
C LYS A 288 -23.25 26.60 -40.76
N TRP A 289 -23.79 25.38 -40.82
CA TRP A 289 -23.58 24.42 -39.75
C TRP A 289 -22.11 24.02 -39.64
N ILE A 290 -21.46 23.76 -40.78
CA ILE A 290 -20.04 23.40 -40.77
C ILE A 290 -19.20 24.52 -40.19
N SER A 291 -19.49 25.77 -40.57
CA SER A 291 -18.70 26.90 -40.08
C SER A 291 -18.76 26.98 -38.56
N ILE A 292 -19.96 26.95 -38.00
CA ILE A 292 -20.11 27.17 -36.57
C ILE A 292 -19.49 26.02 -35.79
N MET A 293 -19.80 24.78 -36.17
CA MET A 293 -19.43 23.62 -35.38
C MET A 293 -17.97 23.19 -35.56
N THR A 294 -17.26 23.72 -36.56
CA THR A 294 -15.84 23.41 -36.71
C THR A 294 -14.92 24.52 -36.22
N GLU A 295 -15.37 25.77 -36.24
CA GLU A 295 -14.53 26.91 -35.95
C GLU A 295 -14.62 27.40 -34.50
N ARG A 296 -15.81 27.39 -33.91
CA ARG A 296 -15.97 27.84 -32.53
C ARG A 296 -15.33 26.85 -31.57
N SER A 297 -14.85 27.37 -30.44
CA SER A 297 -14.28 26.52 -29.41
C SER A 297 -15.33 25.57 -28.84
N VAL A 298 -14.86 24.49 -28.24
CA VAL A 298 -15.73 23.46 -27.67
C VAL A 298 -16.54 24.01 -26.50
N PRO A 299 -15.95 24.69 -25.51
CA PRO A 299 -16.79 25.25 -24.43
C PRO A 299 -17.81 26.26 -24.91
N HIS A 300 -17.48 27.02 -25.96
CA HIS A 300 -18.45 27.93 -26.55
C HIS A 300 -19.60 27.15 -27.17
N LEU A 301 -19.29 26.09 -27.90
CA LEU A 301 -20.32 25.33 -28.60
C LEU A 301 -21.23 24.58 -27.62
N GLN A 302 -20.69 24.13 -26.49
CA GLN A 302 -21.54 23.51 -25.47
C GLN A 302 -22.63 24.48 -25.00
N LYS A 303 -22.27 25.74 -24.75
CA LYS A 303 -23.26 26.73 -24.36
C LYS A 303 -24.18 27.07 -25.52
N VAL A 304 -23.67 27.02 -26.76
CA VAL A 304 -24.50 27.28 -27.92
C VAL A 304 -25.59 26.23 -28.05
N PHE A 305 -25.23 24.97 -27.84
CA PHE A 305 -26.22 23.90 -27.98
C PHE A 305 -27.32 23.99 -26.93
N ASP A 306 -27.00 24.52 -25.75
CA ASP A 306 -28.04 24.72 -24.74
C ASP A 306 -28.93 25.90 -25.11
N ARG A 307 -28.33 27.01 -25.51
CA ARG A 307 -29.13 28.16 -25.94
C ARG A 307 -29.98 27.82 -27.15
N TYR A 308 -29.51 26.91 -28.00
CA TYR A 308 -30.29 26.42 -29.13
C TYR A 308 -31.62 25.82 -28.69
N LYS A 309 -31.64 25.14 -27.53
CA LYS A 309 -32.88 24.55 -27.05
C LYS A 309 -33.93 25.60 -26.72
N SER A 310 -33.51 26.83 -26.41
CA SER A 310 -34.47 27.89 -26.14
C SER A 310 -35.25 28.27 -27.39
N TYR A 311 -34.62 28.16 -28.57
CA TYR A 311 -35.27 28.54 -29.82
C TYR A 311 -35.97 27.38 -30.50
N SER A 312 -35.43 26.17 -30.40
CA SER A 312 -35.88 25.04 -31.18
C SER A 312 -36.65 24.04 -30.31
N PRO A 313 -37.72 23.44 -30.84
CA PRO A 313 -38.41 22.39 -30.09
C PRO A 313 -37.64 21.08 -30.03
N TYR A 314 -36.64 20.90 -30.89
CA TYR A 314 -35.74 19.75 -30.88
C TYR A 314 -34.34 20.21 -30.53
N ASP A 315 -33.60 19.39 -29.79
CA ASP A 315 -32.22 19.75 -29.46
C ASP A 315 -31.33 19.50 -30.69
N MET A 316 -30.03 19.75 -30.53
CA MET A 316 -29.13 19.72 -31.69
C MET A 316 -29.09 18.33 -32.33
N LEU A 317 -29.04 17.26 -31.51
CA LEU A 317 -28.98 15.92 -32.08
C LEU A 317 -30.27 15.57 -32.82
N GLU A 318 -31.42 15.81 -32.20
CA GLU A 318 -32.70 15.58 -32.87
C GLU A 318 -32.82 16.43 -34.14
N SER A 319 -32.39 17.70 -34.06
CA SER A 319 -32.38 18.56 -35.25
C SER A 319 -31.53 17.97 -36.38
N ILE A 320 -30.39 17.37 -36.05
CA ILE A 320 -29.53 16.77 -37.06
C ILE A 320 -30.24 15.59 -37.73
N ARG A 321 -30.84 14.70 -36.93
CA ARG A 321 -31.57 13.57 -37.49
C ARG A 321 -32.69 14.02 -38.42
N LYS A 322 -33.33 15.14 -38.09
CA LYS A 322 -34.47 15.60 -38.89
C LYS A 322 -34.07 16.33 -40.16
N GLU A 323 -32.84 16.83 -40.23
CA GLU A 323 -32.42 17.72 -41.31
C GLU A 323 -31.54 17.06 -42.37
N VAL A 324 -30.66 16.13 -41.98
CA VAL A 324 -29.71 15.53 -42.90
C VAL A 324 -29.75 14.01 -42.74
N LYS A 325 -29.12 13.33 -43.68
CA LYS A 325 -29.11 11.87 -43.74
C LYS A 325 -27.73 11.38 -44.13
N GLY A 326 -27.55 10.05 -44.06
CA GLY A 326 -26.36 9.42 -44.58
C GLY A 326 -25.09 9.79 -43.81
N ASP A 327 -23.99 9.88 -44.54
CA ASP A 327 -22.70 10.15 -43.91
C ASP A 327 -22.70 11.51 -43.23
N LEU A 328 -23.33 12.50 -43.86
CA LEU A 328 -23.38 13.83 -43.25
C LEU A 328 -24.07 13.79 -41.91
N GLU A 329 -25.23 13.12 -41.83
CA GLU A 329 -25.93 12.98 -40.56
C GLU A 329 -25.06 12.28 -39.51
N ASN A 330 -24.44 11.17 -39.90
CA ASN A 330 -23.59 10.42 -38.97
C ASN A 330 -22.45 11.28 -38.45
N ALA A 331 -21.82 12.06 -39.34
CA ALA A 331 -20.70 12.90 -38.92
C ALA A 331 -21.14 13.99 -37.96
N PHE A 332 -22.30 14.62 -38.23
CA PHE A 332 -22.79 15.65 -37.34
C PHE A 332 -23.17 15.09 -35.98
N LEU A 333 -23.82 13.92 -35.98
CA LEU A 333 -24.21 13.30 -34.71
C LEU A 333 -22.99 12.98 -33.86
N ASN A 334 -21.94 12.41 -34.48
CA ASN A 334 -20.72 12.12 -33.74
C ASN A 334 -20.05 13.40 -33.26
N LEU A 335 -20.10 14.45 -34.07
CA LEU A 335 -19.43 15.71 -33.72
C LEU A 335 -20.08 16.38 -32.52
N VAL A 336 -21.42 16.43 -32.49
CA VAL A 336 -22.09 17.10 -31.39
C VAL A 336 -21.92 16.32 -30.09
N GLN A 337 -21.90 14.98 -30.18
CA GLN A 337 -21.65 14.18 -28.98
C GLN A 337 -20.27 14.46 -28.41
N CYS A 338 -19.24 14.54 -29.26
CA CYS A 338 -17.90 14.80 -28.76
C CYS A 338 -17.78 16.18 -28.16
N ILE A 339 -18.47 17.17 -28.74
CA ILE A 339 -18.48 18.51 -28.19
C ILE A 339 -19.17 18.53 -26.84
N GLN A 340 -20.33 17.88 -26.74
CA GLN A 340 -21.11 17.91 -25.52
C GLN A 340 -20.42 17.10 -24.42
N ASN A 341 -19.94 15.91 -24.74
CA ASN A 341 -19.40 15.01 -23.71
C ASN A 341 -18.60 13.90 -24.41
N LYS A 342 -17.30 14.13 -24.54
CA LYS A 342 -16.44 13.15 -25.21
C LYS A 342 -16.36 11.82 -24.46
N PRO A 343 -16.16 11.77 -23.14
CA PRO A 343 -16.15 10.45 -22.47
C PRO A 343 -17.45 9.69 -22.63
N LEU A 344 -18.60 10.37 -22.50
CA LEU A 344 -19.87 9.70 -22.71
C LEU A 344 -19.99 9.19 -24.14
N TYR A 345 -19.48 9.96 -25.09
CA TYR A 345 -19.47 9.53 -26.49
C TYR A 345 -18.78 8.17 -26.64
N PHE A 346 -17.58 8.03 -26.06
CA PHE A 346 -16.89 6.75 -26.21
C PHE A 346 -17.57 5.65 -25.40
N ALA A 347 -18.16 6.00 -24.26
CA ALA A 347 -18.91 5.01 -23.49
C ALA A 347 -20.07 4.44 -24.32
N ASP A 348 -20.78 5.31 -25.04
CA ASP A 348 -21.89 4.84 -25.85
C ASP A 348 -21.40 4.01 -27.03
N ARG A 349 -20.32 4.45 -27.69
CA ARG A 349 -19.77 3.67 -28.79
C ARG A 349 -19.25 2.33 -28.30
N LEU A 350 -18.66 2.30 -27.09
CA LEU A 350 -18.26 1.03 -26.51
C LEU A 350 -19.47 0.15 -26.28
N TYR A 351 -20.53 0.72 -25.70
CA TYR A 351 -21.77 -0.04 -25.50
C TYR A 351 -22.32 -0.56 -26.82
N ASP A 352 -22.29 0.26 -27.87
CA ASP A 352 -22.84 -0.20 -29.15
C ASP A 352 -22.03 -1.36 -29.71
N SER A 353 -20.71 -1.31 -29.57
CA SER A 353 -19.86 -2.36 -30.12
C SER A 353 -20.06 -3.70 -29.45
N MET A 354 -20.72 -3.74 -28.29
CA MET A 354 -20.81 -4.96 -27.51
C MET A 354 -22.23 -5.39 -27.17
N LYS A 355 -23.25 -4.56 -27.42
CA LYS A 355 -24.55 -4.79 -26.80
C LYS A 355 -25.28 -5.97 -27.42
N GLY A 356 -25.15 -6.17 -28.72
CA GLY A 356 -25.93 -7.16 -29.45
C GLY A 356 -25.13 -8.40 -29.78
N LYS A 357 -25.56 -9.08 -30.85
CA LYS A 357 -24.92 -10.30 -31.29
C LYS A 357 -23.47 -10.05 -31.67
N GLY A 358 -22.57 -10.89 -31.13
CA GLY A 358 -21.16 -10.72 -31.44
C GLY A 358 -20.58 -9.42 -30.93
N THR A 359 -19.52 -8.97 -31.59
CA THR A 359 -18.79 -7.79 -31.18
C THR A 359 -18.29 -7.05 -32.40
N ARG A 360 -18.39 -5.71 -32.37
CA ARG A 360 -17.71 -4.87 -33.35
C ARG A 360 -16.30 -4.62 -32.81
N ASP A 361 -15.45 -5.64 -32.99
CA ASP A 361 -14.15 -5.65 -32.33
C ASP A 361 -13.27 -4.51 -32.81
N LYS A 362 -13.35 -4.15 -34.10
CA LYS A 362 -12.54 -3.05 -34.60
C LYS A 362 -12.80 -1.76 -33.83
N VAL A 363 -14.07 -1.48 -33.53
CA VAL A 363 -14.42 -0.31 -32.74
C VAL A 363 -13.97 -0.49 -31.30
N LEU A 364 -14.28 -1.64 -30.71
CA LEU A 364 -13.93 -1.90 -29.32
C LEU A 364 -12.42 -1.78 -29.10
N ILE A 365 -11.61 -2.36 -30.00
CA ILE A 365 -10.17 -2.32 -29.84
C ILE A 365 -9.65 -0.89 -30.01
N ARG A 366 -10.12 -0.19 -31.04
CA ARG A 366 -9.60 1.15 -31.32
C ARG A 366 -9.83 2.09 -30.15
N ILE A 367 -11.00 2.00 -29.50
CA ILE A 367 -11.29 2.88 -28.37
C ILE A 367 -10.41 2.52 -27.17
N MET A 368 -10.28 1.23 -26.88
CA MET A 368 -9.49 0.82 -25.72
C MET A 368 -8.02 1.18 -25.90
N VAL A 369 -7.48 0.98 -27.10
CA VAL A 369 -6.08 1.34 -27.35
C VAL A 369 -5.90 2.85 -27.26
N SER A 370 -6.75 3.60 -27.98
CA SER A 370 -6.51 5.03 -28.13
C SER A 370 -6.83 5.81 -26.85
N ARG A 371 -7.79 5.36 -26.04
CA ARG A 371 -8.27 6.15 -24.92
C ARG A 371 -7.79 5.68 -23.56
N SER A 372 -7.15 4.51 -23.45
CA SER A 372 -6.81 3.96 -22.15
C SER A 372 -5.91 4.88 -21.35
N GLU A 373 -5.15 5.74 -22.02
CA GLU A 373 -4.20 6.64 -21.36
C GLU A 373 -4.64 8.09 -21.43
N VAL A 374 -5.85 8.36 -21.91
CA VAL A 374 -6.35 9.71 -22.10
C VAL A 374 -7.44 10.04 -21.08
N ASP A 375 -8.54 9.29 -21.10
CA ASP A 375 -9.69 9.59 -20.26
C ASP A 375 -10.47 8.31 -19.95
N MET A 376 -9.76 7.20 -19.77
CA MET A 376 -10.45 5.93 -19.54
C MET A 376 -11.20 5.93 -18.21
N LEU A 377 -10.74 6.72 -17.24
CA LEU A 377 -11.47 6.84 -15.97
C LEU A 377 -12.79 7.57 -16.17
N LYS A 378 -12.81 8.61 -17.01
CA LYS A 378 -14.06 9.31 -17.28
C LYS A 378 -15.00 8.46 -18.12
N ILE A 379 -14.45 7.70 -19.07
CA ILE A 379 -15.29 6.80 -19.86
C ILE A 379 -15.95 5.75 -18.96
N ARG A 380 -15.17 5.16 -18.06
CA ARG A 380 -15.72 4.16 -17.16
C ARG A 380 -16.77 4.75 -16.24
N SER A 381 -16.57 5.99 -15.79
CA SER A 381 -17.53 6.63 -14.92
C SER A 381 -18.85 6.85 -15.63
N GLU A 382 -18.81 7.47 -16.82
CA GLU A 382 -20.02 7.66 -17.61
C GLU A 382 -20.69 6.34 -17.93
N PHE A 383 -19.91 5.32 -18.29
CA PHE A 383 -20.46 4.01 -18.65
C PHE A 383 -21.21 3.40 -17.48
N LYS A 384 -20.58 3.36 -16.30
CA LYS A 384 -21.20 2.73 -15.14
C LYS A 384 -22.46 3.45 -14.72
N ARG A 385 -22.45 4.79 -14.78
CA ARG A 385 -23.62 5.57 -14.39
C ARG A 385 -24.77 5.37 -15.37
N LYS A 386 -24.47 5.20 -16.66
CA LYS A 386 -25.55 5.09 -17.64
C LYS A 386 -26.11 3.68 -17.72
N TYR A 387 -25.25 2.66 -17.68
CA TYR A 387 -25.65 1.29 -17.95
C TYR A 387 -25.75 0.41 -16.71
N GLY A 388 -25.45 0.93 -15.52
CA GLY A 388 -25.58 0.18 -14.29
C GLY A 388 -24.57 -0.91 -14.08
N LYS A 389 -23.77 -1.26 -15.09
CA LYS A 389 -22.70 -2.23 -14.97
C LYS A 389 -21.43 -1.61 -15.53
N SER A 390 -20.29 -2.12 -15.06
CA SER A 390 -19.01 -1.54 -15.45
C SER A 390 -18.65 -1.90 -16.89
N LEU A 391 -17.85 -1.04 -17.51
CA LEU A 391 -17.27 -1.37 -18.81
C LEU A 391 -16.48 -2.67 -18.73
N TYR A 392 -15.78 -2.86 -17.61
CA TYR A 392 -15.11 -4.13 -17.32
C TYR A 392 -16.04 -5.31 -17.52
N TYR A 393 -17.21 -5.24 -16.89
CA TYR A 393 -18.20 -6.31 -16.98
C TYR A 393 -18.56 -6.61 -18.44
N TYR A 394 -18.89 -5.57 -19.21
CA TYR A 394 -19.31 -5.80 -20.59
C TYR A 394 -18.20 -6.40 -21.43
N ILE A 395 -16.97 -5.93 -21.24
CA ILE A 395 -15.83 -6.52 -21.92
C ILE A 395 -15.69 -7.99 -21.55
N GLN A 396 -15.84 -8.29 -20.25
CA GLN A 396 -15.74 -9.68 -19.78
C GLN A 396 -16.74 -10.58 -20.50
N GLN A 397 -17.96 -10.11 -20.71
CA GLN A 397 -18.99 -10.96 -21.31
C GLN A 397 -18.78 -11.13 -22.81
N ASP A 398 -18.32 -10.08 -23.49
CA ASP A 398 -18.28 -10.09 -24.95
C ASP A 398 -17.00 -10.70 -25.52
N THR A 399 -15.92 -10.78 -24.74
CA THR A 399 -14.66 -11.27 -25.25
C THR A 399 -14.16 -12.40 -24.37
N LYS A 400 -13.13 -13.11 -24.84
CA LYS A 400 -12.61 -14.27 -24.15
C LYS A 400 -11.11 -14.38 -24.39
N GLY A 401 -10.44 -15.12 -23.51
CA GLY A 401 -9.04 -15.46 -23.70
C GLY A 401 -8.09 -14.34 -23.34
N ASP A 402 -6.86 -14.46 -23.85
CA ASP A 402 -5.86 -13.42 -23.63
C ASP A 402 -6.27 -12.11 -24.29
N TYR A 403 -7.07 -12.19 -25.37
CA TYR A 403 -7.65 -10.99 -25.96
C TYR A 403 -8.51 -10.26 -24.95
N GLN A 404 -9.37 -10.99 -24.23
CA GLN A 404 -10.16 -10.37 -23.17
C GLN A 404 -9.27 -9.78 -22.08
N LYS A 405 -8.23 -10.51 -21.68
CA LYS A 405 -7.33 -10.01 -20.64
C LYS A 405 -6.66 -8.71 -21.07
N ALA A 406 -6.26 -8.64 -22.35
CA ALA A 406 -5.65 -7.41 -22.86
C ALA A 406 -6.60 -6.22 -22.71
N LEU A 407 -7.85 -6.40 -23.13
CA LEU A 407 -8.81 -5.29 -23.05
C LEU A 407 -9.08 -4.90 -21.61
N LEU A 408 -9.24 -5.90 -20.73
CA LEU A 408 -9.50 -5.61 -19.32
C LEU A 408 -8.35 -4.84 -18.68
N TYR A 409 -7.12 -5.10 -19.10
CA TYR A 409 -5.99 -4.33 -18.59
C TYR A 409 -6.02 -2.88 -19.08
N LEU A 410 -6.32 -2.68 -20.37
CA LEU A 410 -6.47 -1.33 -20.89
C LEU A 410 -7.61 -0.60 -20.20
N CYS A 411 -8.65 -1.34 -19.81
CA CYS A 411 -9.74 -0.76 -19.05
C CYS A 411 -9.23 -0.22 -17.72
N GLY A 412 -8.39 -0.98 -17.03
CA GLY A 412 -7.72 -0.53 -15.83
C GLY A 412 -8.27 -1.13 -14.54
N GLY A 413 -9.55 -1.50 -14.54
CA GLY A 413 -10.14 -2.02 -13.32
C GLY A 413 -11.65 -2.05 -13.42
N ASP A 414 -12.25 -2.69 -12.42
CA ASP A 414 -13.69 -2.88 -12.39
C ASP A 414 -14.39 -1.63 -11.85
N ASP A 415 -15.61 -1.40 -12.33
CA ASP A 415 -16.36 -0.15 -12.11
C ASP A 415 -15.57 1.08 -12.54
N THR B 9 -5.80 -10.52 8.65
CA THR B 9 -6.62 -10.77 7.48
C THR B 9 -6.19 -12.04 6.75
N GLU B 10 -7.16 -12.95 6.58
CA GLU B 10 -6.96 -14.20 5.88
C GLU B 10 -7.76 -14.17 4.59
N GLU B 11 -7.26 -14.85 3.56
CA GLU B 11 -7.83 -14.71 2.24
C GLU B 11 -7.44 -15.92 1.41
N GLU B 12 -8.25 -16.20 0.40
CA GLU B 12 -7.92 -17.21 -0.59
C GLU B 12 -7.58 -16.52 -1.90
N ILE B 13 -6.46 -16.91 -2.49
CA ILE B 13 -5.97 -16.32 -3.73
C ILE B 13 -5.86 -17.42 -4.77
N ASN B 14 -6.43 -17.19 -5.95
CA ASN B 14 -6.39 -18.13 -7.06
C ASN B 14 -5.58 -17.55 -8.20
N LEU B 15 -4.55 -18.29 -8.63
CA LEU B 15 -3.60 -17.82 -9.61
C LEU B 15 -3.48 -18.84 -10.74
N THR B 16 -3.06 -18.35 -11.91
CA THR B 16 -2.82 -19.18 -13.08
C THR B 16 -1.31 -19.26 -13.34
N ARG B 17 -0.79 -20.47 -13.42
CA ARG B 17 0.64 -20.68 -13.62
C ARG B 17 1.03 -20.44 -15.07
N GLY B 18 2.13 -19.71 -15.26
CA GLY B 18 2.71 -19.55 -16.57
C GLY B 18 4.02 -20.29 -16.69
N PRO B 19 4.70 -20.15 -17.84
CA PRO B 19 5.99 -20.81 -18.02
C PRO B 19 7.07 -20.38 -17.02
N SER B 20 6.89 -19.27 -16.31
CA SER B 20 7.88 -18.81 -15.33
C SER B 20 7.46 -19.12 -13.89
N GLY B 21 6.47 -19.98 -13.69
CA GLY B 21 6.01 -20.33 -12.36
C GLY B 21 4.77 -19.57 -11.96
N LEU B 22 4.61 -19.40 -10.64
CA LEU B 22 3.51 -18.61 -10.09
C LEU B 22 3.88 -17.15 -9.87
N GLY B 23 5.17 -16.84 -9.81
CA GLY B 23 5.60 -15.46 -9.73
C GLY B 23 5.88 -14.94 -8.33
N PHE B 24 6.31 -15.79 -7.41
CA PHE B 24 6.74 -15.29 -6.12
C PHE B 24 7.82 -16.20 -5.56
N ASN B 25 8.52 -15.70 -4.54
CA ASN B 25 9.57 -16.44 -3.85
C ASN B 25 9.11 -16.82 -2.47
N ILE B 26 9.53 -17.99 -2.00
CA ILE B 26 9.13 -18.48 -0.68
C ILE B 26 10.35 -18.70 0.19
N VAL B 27 10.14 -18.57 1.50
CA VAL B 27 11.15 -18.88 2.49
C VAL B 27 10.46 -19.64 3.62
N GLY B 28 11.26 -20.27 4.47
CA GLY B 28 10.76 -20.96 5.64
C GLY B 28 10.72 -22.46 5.45
N GLY B 29 10.12 -23.11 6.43
CA GLY B 29 10.06 -24.55 6.51
C GLY B 29 10.70 -25.07 7.79
N THR B 30 10.50 -26.37 8.03
CA THR B 30 11.00 -26.98 9.25
C THR B 30 12.51 -26.92 9.34
N ASP B 31 13.20 -26.91 8.21
CA ASP B 31 14.65 -26.82 8.19
C ASP B 31 15.16 -25.38 8.13
N GLN B 32 14.25 -24.40 8.10
CA GLN B 32 14.67 -23.00 8.18
C GLN B 32 14.42 -22.49 9.59
N GLN B 33 13.22 -21.96 9.86
CA GLN B 33 12.81 -21.65 11.23
C GLN B 33 13.63 -20.55 11.89
N TYR B 34 14.92 -20.43 11.57
CA TYR B 34 15.67 -19.28 12.05
C TYR B 34 15.38 -18.02 11.24
N VAL B 35 14.68 -18.15 10.12
CA VAL B 35 14.30 -16.96 9.35
C VAL B 35 12.90 -16.47 9.71
N SER B 36 12.09 -17.29 10.36
CA SER B 36 10.70 -16.92 10.64
C SER B 36 10.25 -17.21 12.07
N ASN B 37 11.07 -17.86 12.89
CA ASN B 37 10.78 -18.28 14.26
C ASN B 37 9.74 -19.40 14.34
N ASP B 38 9.29 -19.94 13.21
CA ASP B 38 8.44 -21.13 13.18
C ASP B 38 8.74 -21.90 11.90
N SER B 39 7.90 -22.87 11.58
CA SER B 39 8.13 -23.75 10.45
C SER B 39 7.32 -23.37 9.22
N GLY B 40 6.64 -22.22 9.24
CA GLY B 40 5.73 -21.87 8.17
C GLY B 40 6.43 -21.41 6.91
N ILE B 41 5.66 -21.41 5.82
CA ILE B 41 6.11 -20.96 4.51
C ILE B 41 5.62 -19.55 4.29
N TYR B 42 6.52 -18.66 3.88
CA TYR B 42 6.20 -17.24 3.73
C TYR B 42 6.61 -16.75 2.36
N VAL B 43 5.87 -15.78 1.85
CA VAL B 43 6.20 -15.12 0.60
C VAL B 43 7.22 -14.02 0.90
N SER B 44 8.38 -14.09 0.24
CA SER B 44 9.45 -13.13 0.45
C SER B 44 9.55 -12.09 -0.67
N ARG B 45 9.18 -12.44 -1.90
CA ARG B 45 9.25 -11.50 -2.99
C ARG B 45 8.20 -11.88 -4.05
N ILE B 46 7.69 -10.87 -4.74
CA ILE B 46 6.73 -11.06 -5.82
C ILE B 46 7.38 -10.57 -7.11
N LYS B 47 7.57 -11.47 -8.06
CA LYS B 47 8.23 -11.13 -9.32
C LYS B 47 7.27 -10.35 -10.21
N GLU B 48 7.72 -9.21 -10.71
CA GLU B 48 6.87 -8.43 -11.59
C GLU B 48 6.68 -9.15 -12.92
N ASN B 49 5.53 -8.89 -13.55
CA ASN B 49 5.02 -9.55 -14.75
C ASN B 49 4.56 -10.98 -14.48
N GLY B 50 4.72 -11.49 -13.26
CA GLY B 50 4.25 -12.81 -12.92
C GLY B 50 2.79 -12.82 -12.49
N ALA B 51 2.24 -14.03 -12.37
CA ALA B 51 0.81 -14.17 -12.09
C ALA B 51 0.43 -13.46 -10.79
N ALA B 52 1.19 -13.73 -9.71
CA ALA B 52 0.85 -13.14 -8.42
C ALA B 52 0.94 -11.62 -8.44
N ALA B 53 1.84 -11.06 -9.25
CA ALA B 53 1.96 -9.62 -9.35
C ALA B 53 0.71 -8.99 -9.94
N LEU B 54 0.26 -9.49 -11.09
CA LEU B 54 -0.90 -8.89 -11.75
C LEU B 54 -2.18 -9.11 -10.96
N ASP B 55 -2.25 -10.17 -10.16
CA ASP B 55 -3.44 -10.40 -9.34
C ASP B 55 -3.61 -9.30 -8.30
N GLY B 56 -2.53 -8.94 -7.61
CA GLY B 56 -2.51 -7.83 -6.70
C GLY B 56 -2.71 -8.20 -5.24
N ARG B 57 -3.23 -9.40 -4.97
CA ARG B 57 -3.59 -9.73 -3.60
C ARG B 57 -2.43 -10.25 -2.78
N LEU B 58 -1.56 -11.07 -3.37
CA LEU B 58 -0.47 -11.67 -2.61
C LEU B 58 0.56 -10.60 -2.24
N GLN B 59 0.92 -10.56 -0.95
CA GLN B 59 1.85 -9.57 -0.42
C GLN B 59 3.11 -10.26 0.06
N GLU B 60 4.22 -9.51 0.04
CA GLU B 60 5.43 -9.97 0.70
C GLU B 60 5.20 -10.06 2.20
N GLY B 61 5.57 -11.18 2.80
CA GLY B 61 5.32 -11.42 4.20
C GLY B 61 4.12 -12.29 4.49
N ASP B 62 3.26 -12.54 3.51
CA ASP B 62 2.12 -13.42 3.72
C ASP B 62 2.58 -14.82 4.14
N LYS B 63 1.76 -15.46 4.96
CA LYS B 63 1.98 -16.85 5.34
C LYS B 63 1.06 -17.75 4.52
N ILE B 64 1.64 -18.77 3.89
CA ILE B 64 0.88 -19.69 3.05
C ILE B 64 0.32 -20.76 3.97
N LEU B 65 -0.98 -20.66 4.25
CA LEU B 65 -1.65 -21.65 5.10
C LEU B 65 -2.06 -22.89 4.32
N SER B 66 -2.56 -22.70 3.10
CA SER B 66 -3.09 -23.80 2.32
C SER B 66 -2.70 -23.63 0.86
N VAL B 67 -2.55 -24.77 0.18
CA VAL B 67 -2.37 -24.82 -1.26
C VAL B 67 -3.34 -25.84 -1.82
N ASN B 68 -4.15 -25.42 -2.80
CA ASN B 68 -5.12 -26.30 -3.44
C ASN B 68 -6.05 -26.96 -2.44
N GLY B 69 -6.39 -26.21 -1.38
CA GLY B 69 -7.31 -26.70 -0.38
C GLY B 69 -6.73 -27.62 0.68
N GLN B 70 -5.43 -27.89 0.63
CA GLN B 70 -4.78 -28.71 1.64
C GLN B 70 -3.88 -27.82 2.51
N ASP B 71 -3.89 -28.07 3.81
CA ASP B 71 -3.17 -27.23 4.75
C ASP B 71 -1.69 -27.63 4.81
N LEU B 72 -0.81 -26.66 4.61
CA LEU B 72 0.62 -26.90 4.77
C LEU B 72 0.93 -27.16 6.23
N LYS B 73 1.74 -28.18 6.48
CA LYS B 73 2.04 -28.54 7.87
C LYS B 73 3.37 -29.28 7.92
N ASN B 74 4.32 -28.73 8.68
CA ASN B 74 5.60 -29.37 8.96
C ASN B 74 6.30 -29.82 7.68
N LEU B 75 6.52 -28.86 6.79
CA LEU B 75 7.13 -29.12 5.50
C LEU B 75 8.57 -28.62 5.50
N LEU B 76 9.48 -29.47 5.08
CA LEU B 76 10.81 -29.00 4.71
C LEU B 76 10.69 -27.99 3.59
N HIS B 77 11.69 -27.12 3.48
CA HIS B 77 11.67 -26.09 2.44
C HIS B 77 11.51 -26.69 1.06
N GLN B 78 12.26 -27.76 0.77
CA GLN B 78 12.19 -28.39 -0.54
C GLN B 78 10.83 -29.07 -0.75
N ASP B 79 10.22 -29.57 0.33
CA ASP B 79 8.89 -30.15 0.20
C ASP B 79 7.87 -29.11 -0.21
N ALA B 80 8.01 -27.88 0.30
CA ALA B 80 7.13 -26.80 -0.12
C ALA B 80 7.38 -26.42 -1.57
N VAL B 81 8.65 -26.46 -2.01
CA VAL B 81 8.96 -26.15 -3.41
C VAL B 81 8.37 -27.21 -4.32
N ASP B 82 8.44 -28.48 -3.92
CA ASP B 82 7.85 -29.55 -4.71
C ASP B 82 6.33 -29.41 -4.76
N LEU B 83 5.73 -28.96 -3.66
CA LEU B 83 4.29 -28.79 -3.63
C LEU B 83 3.83 -27.71 -4.60
N PHE B 84 4.55 -26.58 -4.63
CA PHE B 84 4.19 -25.51 -5.55
C PHE B 84 4.41 -25.90 -7.00
N ARG B 85 5.40 -26.77 -7.27
CA ARG B 85 5.67 -27.17 -8.65
C ARG B 85 4.70 -28.22 -9.14
N ASN B 86 4.11 -29.01 -8.24
CA ASN B 86 3.15 -30.05 -8.59
C ASN B 86 1.70 -29.63 -8.35
N ALA B 87 1.44 -28.32 -8.31
CA ALA B 87 0.11 -27.83 -7.98
C ALA B 87 -0.80 -27.66 -9.19
N GLY B 88 -0.25 -27.66 -10.40
CA GLY B 88 -1.06 -27.47 -11.60
C GLY B 88 -0.98 -26.05 -12.12
N TYR B 89 -1.81 -25.77 -13.13
CA TYR B 89 -1.81 -24.44 -13.73
C TYR B 89 -2.68 -23.47 -12.94
N ALA B 90 -3.79 -23.94 -12.40
CA ALA B 90 -4.71 -23.14 -11.59
C ALA B 90 -4.52 -23.55 -10.13
N VAL B 91 -3.96 -22.65 -9.32
CA VAL B 91 -3.57 -22.95 -7.95
C VAL B 91 -4.33 -22.02 -7.01
N SER B 92 -4.88 -22.58 -5.94
CA SER B 92 -5.50 -21.79 -4.89
C SER B 92 -4.56 -21.75 -3.68
N LEU B 93 -4.38 -20.56 -3.13
CA LEU B 93 -3.57 -20.37 -1.93
C LEU B 93 -4.43 -19.67 -0.89
N ARG B 94 -4.50 -20.24 0.30
CA ARG B 94 -5.06 -19.56 1.45
C ARG B 94 -3.91 -18.92 2.22
N VAL B 95 -3.93 -17.60 2.33
CA VAL B 95 -2.81 -16.86 2.89
C VAL B 95 -3.29 -16.01 4.04
N GLN B 96 -2.39 -15.79 4.98
CA GLN B 96 -2.60 -14.84 6.06
C GLN B 96 -1.74 -13.63 5.77
N HIS B 97 -2.37 -12.50 5.50
CA HIS B 97 -1.66 -11.24 5.42
C HIS B 97 -1.24 -10.82 6.82
N ARG B 98 0.02 -10.46 6.98
CA ARG B 98 0.56 -10.14 8.30
C ARG B 98 1.17 -8.75 8.30
N LEU B 99 1.37 -8.23 9.51
CA LEU B 99 1.98 -6.92 9.69
C LEU B 99 3.51 -7.05 9.74
N GLN B 100 4.18 -5.94 10.00
CA GLN B 100 5.64 -5.89 9.92
C GLN B 100 6.26 -6.66 11.08
N VAL B 101 7.19 -7.57 10.75
CA VAL B 101 7.91 -8.29 11.78
C VAL B 101 8.75 -7.30 12.59
N GLN B 102 8.71 -7.46 13.91
CA GLN B 102 9.42 -6.54 14.80
C GLN B 102 10.93 -6.65 14.62
N GLY B 103 11.60 -5.51 14.81
CA GLY B 103 13.05 -5.46 14.67
C GLY B 103 13.49 -5.50 13.22
N SER B 104 14.77 -5.86 13.05
CA SER B 104 15.33 -5.93 11.72
C SER B 104 15.06 -7.31 11.11
N ALA B 105 15.33 -7.41 9.81
CA ALA B 105 15.12 -8.67 9.09
C ALA B 105 16.18 -9.67 9.48
N TYR B 106 15.81 -10.95 9.41
CA TYR B 106 16.73 -12.02 9.82
C TYR B 106 17.88 -12.15 8.84
N THR B 107 17.60 -12.00 7.55
CA THR B 107 18.64 -11.90 6.53
C THR B 107 19.47 -10.63 6.65
N ASN B 108 19.16 -9.78 7.64
CA ASN B 108 19.72 -8.44 7.70
C ASN B 108 20.20 -8.06 9.09
N PHE B 109 20.23 -9.00 10.03
CA PHE B 109 20.62 -8.78 11.41
C PHE B 109 21.97 -9.43 11.66
N ASP B 110 22.87 -8.70 12.31
CA ASP B 110 24.19 -9.22 12.67
C ASP B 110 24.50 -8.69 14.07
N ALA B 111 24.34 -9.56 15.06
CA ALA B 111 24.59 -9.16 16.45
C ALA B 111 26.01 -8.66 16.65
N GLU B 112 26.98 -9.28 15.97
CA GLU B 112 28.38 -8.88 16.13
C GLU B 112 28.61 -7.48 15.59
N ARG B 113 28.02 -7.15 14.44
CA ARG B 113 28.18 -5.81 13.89
C ARG B 113 27.56 -4.75 14.80
N ASP B 114 26.36 -5.03 15.33
CA ASP B 114 25.73 -4.08 16.25
C ASP B 114 26.56 -3.91 17.51
N ALA B 115 27.03 -5.03 18.09
CA ALA B 115 27.83 -4.94 19.30
C ALA B 115 29.13 -4.19 19.06
N LEU B 116 29.71 -4.35 17.87
CA LEU B 116 30.92 -3.62 17.53
C LEU B 116 30.63 -2.14 17.29
N ASN B 117 29.48 -1.84 16.69
CA ASN B 117 29.10 -0.44 16.49
C ASN B 117 28.74 0.23 17.81
N ILE B 118 28.14 -0.51 18.74
CA ILE B 118 27.81 0.06 20.04
C ILE B 118 29.08 0.33 20.84
N GLU B 119 30.06 -0.58 20.74
CA GLU B 119 31.31 -0.38 21.48
C GLU B 119 31.99 0.91 21.06
N THR B 120 32.17 1.12 19.76
CA THR B 120 32.83 2.33 19.28
C THR B 120 31.99 3.58 19.50
N ALA B 121 30.66 3.46 19.60
CA ALA B 121 29.84 4.61 19.99
C ALA B 121 30.02 4.93 21.47
N ILE B 122 30.11 3.90 22.32
CA ILE B 122 30.37 4.13 23.73
C ILE B 122 31.74 4.77 23.92
N LYS B 123 32.75 4.24 23.24
CA LYS B 123 34.12 4.72 23.40
C LYS B 123 34.38 6.04 22.68
N THR B 124 33.48 6.48 21.80
CA THR B 124 33.61 7.79 21.19
C THR B 124 33.51 8.88 22.25
N LYS B 125 34.41 9.86 22.18
CA LYS B 125 34.44 10.91 23.19
C LYS B 125 33.14 11.71 23.16
N GLY B 126 32.57 11.94 24.34
CA GLY B 126 31.25 12.52 24.47
C GLY B 126 30.11 11.53 24.36
N VAL B 127 30.40 10.27 24.00
CA VAL B 127 29.43 9.20 23.78
C VAL B 127 28.57 9.52 22.56
N ASP B 128 28.48 8.56 21.64
CA ASP B 128 27.63 8.66 20.46
C ASP B 128 26.30 7.98 20.76
N GLU B 129 25.45 8.70 21.51
CA GLU B 129 24.16 8.12 21.90
C GLU B 129 23.26 7.88 20.70
N VAL B 130 23.42 8.67 19.65
CA VAL B 130 22.56 8.54 18.48
C VAL B 130 22.66 7.13 17.89
N THR B 131 23.89 6.66 17.71
CA THR B 131 24.10 5.31 17.17
C THR B 131 23.54 4.25 18.11
N ILE B 132 23.77 4.41 19.41
CA ILE B 132 23.25 3.46 20.40
C ILE B 132 21.73 3.38 20.32
N VAL B 133 21.06 4.53 20.18
CA VAL B 133 19.61 4.55 20.09
C VAL B 133 19.14 3.96 18.77
N ASN B 134 19.80 4.30 17.67
CA ASN B 134 19.35 3.83 16.36
C ASN B 134 19.41 2.31 16.26
N ILE B 135 20.35 1.68 16.95
CA ILE B 135 20.42 0.22 16.95
C ILE B 135 19.39 -0.36 17.92
N LEU B 136 19.55 -0.05 19.21
CA LEU B 136 18.84 -0.80 20.25
C LEU B 136 17.33 -0.61 20.20
N THR B 137 16.86 0.54 19.72
CA THR B 137 15.42 0.77 19.64
C THR B 137 14.81 0.27 18.33
N ASN B 138 15.62 -0.29 17.44
CA ASN B 138 15.16 -0.86 16.18
C ASN B 138 15.55 -2.34 16.08
N ARG B 139 15.70 -2.99 17.22
CA ARG B 139 15.91 -4.42 17.27
C ARG B 139 14.84 -5.03 18.17
N SER B 140 14.43 -6.24 17.85
CA SER B 140 13.55 -6.97 18.74
C SER B 140 14.26 -7.32 20.04
N ASN B 141 13.49 -7.75 21.03
CA ASN B 141 14.06 -8.07 22.33
C ASN B 141 15.05 -9.24 22.24
N GLU B 142 14.72 -10.26 21.44
CA GLU B 142 15.64 -11.37 21.28
C GLU B 142 16.94 -10.91 20.63
N GLN B 143 16.83 -10.01 19.65
CA GLN B 143 18.04 -9.48 19.01
C GLN B 143 18.90 -8.71 19.99
N ARG B 144 18.28 -7.92 20.86
CA ARG B 144 19.04 -7.21 21.89
C ARG B 144 19.75 -8.18 22.82
N GLN B 145 19.10 -9.30 23.15
CA GLN B 145 19.78 -10.33 23.93
C GLN B 145 21.00 -10.84 23.18
N ASP B 146 20.88 -11.04 21.87
CA ASP B 146 22.00 -11.51 21.08
C ASP B 146 23.09 -10.44 20.97
N ILE B 147 22.70 -9.18 20.83
CA ILE B 147 23.69 -8.10 20.80
C ILE B 147 24.46 -8.05 22.12
N ALA B 148 23.76 -8.20 23.25
CA ALA B 148 24.43 -8.17 24.54
C ALA B 148 25.39 -9.35 24.68
N PHE B 149 24.98 -10.54 24.23
CA PHE B 149 25.85 -11.70 24.25
C PHE B 149 27.14 -11.43 23.46
N ALA B 150 26.99 -10.86 22.26
CA ALA B 150 28.17 -10.57 21.45
C ALA B 150 29.03 -9.48 22.07
N TYR B 151 28.40 -8.46 22.67
CA TYR B 151 29.17 -7.40 23.32
C TYR B 151 30.03 -7.96 24.45
N GLN B 152 29.47 -8.84 25.28
CA GLN B 152 30.22 -9.42 26.38
C GLN B 152 31.33 -10.34 25.88
N ARG B 153 31.11 -11.03 24.75
CA ARG B 153 32.13 -11.92 24.23
C ARG B 153 33.34 -11.16 23.69
N ARG B 154 33.11 -9.97 23.14
CA ARG B 154 34.18 -9.19 22.53
C ARG B 154 34.86 -8.25 23.52
N THR B 155 34.10 -7.65 24.42
CA THR B 155 34.62 -6.65 25.35
C THR B 155 34.86 -7.21 26.75
N LYS B 156 34.55 -8.48 26.99
CA LYS B 156 34.61 -9.13 28.31
C LYS B 156 33.94 -8.28 29.40
N LYS B 157 32.92 -7.51 29.01
CA LYS B 157 32.18 -6.69 29.96
C LYS B 157 30.70 -6.70 29.58
N GLU B 158 29.85 -6.50 30.58
CA GLU B 158 28.40 -6.56 30.38
C GLU B 158 27.90 -5.29 29.69
N LEU B 159 27.09 -5.46 28.64
CA LEU B 159 26.62 -4.32 27.87
C LEU B 159 25.77 -3.38 28.72
N ALA B 160 24.90 -3.93 29.56
CA ALA B 160 24.04 -3.07 30.38
C ALA B 160 24.86 -2.24 31.35
N SER B 161 25.88 -2.83 31.98
CA SER B 161 26.72 -2.07 32.88
C SER B 161 27.49 -1.00 32.13
N ALA B 162 27.93 -1.30 30.91
CA ALA B 162 28.65 -0.31 30.11
C ALA B 162 27.73 0.85 29.72
N LEU B 163 26.53 0.54 29.26
CA LEU B 163 25.60 1.61 28.89
C LEU B 163 25.11 2.37 30.11
N LYS B 164 25.05 1.71 31.27
CA LYS B 164 24.72 2.42 32.50
C LYS B 164 25.74 3.51 32.80
N SER B 165 27.00 3.27 32.46
CA SER B 165 28.03 4.27 32.67
C SER B 165 28.02 5.31 31.56
N ALA B 166 27.76 4.89 30.32
CA ALA B 166 27.85 5.80 29.18
C ALA B 166 26.66 6.73 29.08
N LEU B 167 25.51 6.34 29.64
CA LEU B 167 24.27 7.08 29.47
C LEU B 167 23.82 7.69 30.79
N SER B 168 22.86 8.59 30.69
CA SER B 168 22.28 9.24 31.86
C SER B 168 20.82 9.56 31.57
N GLY B 169 20.12 10.03 32.61
CA GLY B 169 18.79 10.58 32.49
C GLY B 169 17.76 9.58 32.01
N HIS B 170 16.72 10.11 31.36
CA HIS B 170 15.62 9.30 30.89
C HIS B 170 16.06 8.34 29.78
N LEU B 171 17.04 8.74 28.96
CA LEU B 171 17.57 7.84 27.95
C LEU B 171 18.18 6.60 28.58
N GLU B 172 18.91 6.78 29.67
CA GLU B 172 19.47 5.62 30.38
C GLU B 172 18.35 4.68 30.83
N THR B 173 17.23 5.24 31.31
CA THR B 173 16.11 4.42 31.77
C THR B 173 15.52 3.61 30.61
N VAL B 174 15.38 4.23 29.44
CA VAL B 174 14.84 3.54 28.28
C VAL B 174 15.75 2.39 27.86
N ILE B 175 17.03 2.69 27.66
CA ILE B 175 17.94 1.70 27.10
C ILE B 175 18.11 0.53 28.06
N LEU B 176 18.27 0.82 29.35
CA LEU B 176 18.49 -0.24 30.34
C LEU B 176 17.27 -1.15 30.47
N GLY B 177 16.06 -0.59 30.35
CA GLY B 177 14.88 -1.43 30.34
C GLY B 177 14.79 -2.27 29.09
N LEU B 178 15.19 -1.71 27.94
CA LEU B 178 15.14 -2.46 26.69
C LEU B 178 16.09 -3.65 26.70
N LEU B 179 17.13 -3.60 27.52
CA LEU B 179 18.11 -4.69 27.56
C LEU B 179 17.67 -5.85 28.43
N LYS B 180 16.59 -5.71 29.18
CA LYS B 180 16.01 -6.82 29.93
C LYS B 180 15.04 -7.58 29.04
N THR B 181 14.86 -8.86 29.35
CA THR B 181 13.78 -9.61 28.74
C THR B 181 12.45 -9.06 29.23
N PRO B 182 11.36 -9.32 28.49
CA PRO B 182 10.05 -8.80 28.93
C PRO B 182 9.69 -9.18 30.37
N ALA B 183 9.95 -10.42 30.78
CA ALA B 183 9.65 -10.83 32.15
C ALA B 183 10.60 -10.17 33.15
N GLN B 184 11.87 -10.03 32.78
CA GLN B 184 12.83 -9.37 33.69
C GLN B 184 12.47 -7.91 33.89
N TYR B 185 12.00 -7.25 32.83
CA TYR B 185 11.62 -5.84 32.95
C TYR B 185 10.42 -5.69 33.87
N ASP B 186 9.35 -6.45 33.62
CA ASP B 186 8.16 -6.38 34.47
C ASP B 186 8.50 -6.74 35.91
N ALA B 187 9.31 -7.79 36.10
CA ALA B 187 9.67 -8.19 37.46
C ALA B 187 10.43 -7.09 38.18
N SER B 188 11.33 -6.38 37.48
CA SER B 188 12.08 -5.31 38.13
C SER B 188 11.20 -4.09 38.38
N GLU B 189 10.24 -3.82 37.48
CA GLU B 189 9.35 -2.69 37.68
C GLU B 189 8.43 -2.91 38.87
N LEU B 190 7.95 -4.15 39.05
CA LEU B 190 7.15 -4.46 40.23
C LEU B 190 7.99 -4.35 41.50
N LYS B 191 9.26 -4.76 41.43
CA LYS B 191 10.13 -4.67 42.60
C LYS B 191 10.35 -3.20 42.98
N ALA B 192 10.45 -2.33 41.98
CA ALA B 192 10.66 -0.91 42.26
C ALA B 192 9.41 -0.24 42.81
N SER B 193 8.23 -0.76 42.49
CA SER B 193 6.99 -0.16 42.99
C SER B 193 6.71 -0.54 44.44
N MET B 194 7.33 -1.61 44.95
CA MET B 194 7.11 -2.03 46.33
C MET B 194 8.29 -1.75 47.25
N LYS B 195 9.50 -1.63 46.72
CA LYS B 195 10.66 -1.33 47.54
C LYS B 195 10.49 0.04 48.19
N GLY B 196 11.07 0.18 49.37
CA GLY B 196 10.91 1.38 50.15
C GLY B 196 9.51 1.48 50.78
N LEU B 197 9.42 2.35 51.79
CA LEU B 197 8.17 2.48 52.55
C LEU B 197 6.99 2.88 51.66
N GLY B 198 7.20 3.78 50.70
CA GLY B 198 6.17 4.24 49.76
C GLY B 198 5.92 3.20 48.69
N THR B 199 4.70 2.65 48.62
CA THR B 199 4.31 1.81 47.49
C THR B 199 3.81 2.66 46.32
N ASP B 200 4.28 2.34 45.11
CA ASP B 200 3.76 2.93 43.88
C ASP B 200 2.60 2.05 43.45
N GLU B 201 1.39 2.41 43.92
CA GLU B 201 0.22 1.60 43.63
C GLU B 201 -0.17 1.70 42.16
N ASP B 202 -0.02 2.87 41.55
CA ASP B 202 -0.37 3.03 40.14
C ASP B 202 0.45 2.11 39.25
N SER B 203 1.76 2.03 39.49
CA SER B 203 2.60 1.15 38.67
C SER B 203 2.31 -0.31 38.98
N LEU B 204 2.10 -0.64 40.26
CA LEU B 204 1.73 -2.00 40.63
C LEU B 204 0.43 -2.40 39.95
N ILE B 205 -0.59 -1.53 40.03
CA ILE B 205 -1.87 -1.79 39.38
C ILE B 205 -1.70 -1.95 37.88
N GLU B 206 -0.91 -1.05 37.26
CA GLU B 206 -0.80 -1.05 35.81
C GLU B 206 -0.24 -2.37 35.28
N ILE B 207 0.78 -2.91 35.94
CA ILE B 207 1.39 -4.15 35.48
C ILE B 207 0.52 -5.34 35.80
N ILE B 208 0.03 -5.41 37.04
CA ILE B 208 -0.72 -6.58 37.48
C ILE B 208 -2.05 -6.70 36.73
N CYS B 209 -2.65 -5.58 36.35
CA CYS B 209 -3.94 -5.62 35.68
C CYS B 209 -3.84 -5.87 34.19
N SER B 210 -2.71 -5.53 33.57
CA SER B 210 -2.61 -5.54 32.11
C SER B 210 -1.87 -6.75 31.55
N ARG B 211 -1.30 -7.59 32.39
CA ARG B 211 -0.50 -8.72 31.93
C ARG B 211 -1.35 -9.97 31.82
N THR B 212 -1.00 -10.82 30.86
CA THR B 212 -1.76 -12.03 30.58
C THR B 212 -1.32 -13.16 31.51
N ASN B 213 -2.05 -14.27 31.43
CA ASN B 213 -1.69 -15.47 32.20
C ASN B 213 -0.27 -15.91 31.89
N GLN B 214 0.10 -15.91 30.60
CA GLN B 214 1.43 -16.37 30.20
C GLN B 214 2.50 -15.41 30.73
N GLU B 215 2.25 -14.10 30.65
CA GLU B 215 3.24 -13.14 31.15
C GLU B 215 3.42 -13.26 32.65
N LEU B 216 2.32 -13.40 33.40
CA LEU B 216 2.42 -13.48 34.86
C LEU B 216 3.04 -14.78 35.33
N GLN B 217 2.84 -15.89 34.60
CA GLN B 217 3.53 -17.12 34.95
C GLN B 217 5.03 -16.95 34.84
N GLU B 218 5.49 -16.34 33.74
CA GLU B 218 6.92 -16.12 33.57
C GLU B 218 7.43 -15.00 34.46
N ILE B 219 6.58 -14.01 34.77
CA ILE B 219 6.99 -12.93 35.67
C ILE B 219 7.24 -13.48 37.07
N ASN B 220 6.34 -14.32 37.57
CA ASN B 220 6.51 -14.90 38.90
C ASN B 220 7.79 -15.71 38.98
N ARG B 221 8.09 -16.49 37.93
CA ARG B 221 9.29 -17.32 37.95
C ARG B 221 10.55 -16.47 37.96
N VAL B 222 10.58 -15.42 37.13
CA VAL B 222 11.78 -14.59 37.00
C VAL B 222 11.95 -13.72 38.25
N TYR B 223 10.84 -13.20 38.79
CA TYR B 223 10.89 -12.43 40.03
C TYR B 223 11.53 -13.24 41.15
N LYS B 224 11.23 -14.55 41.21
CA LYS B 224 11.81 -15.39 42.25
C LYS B 224 13.31 -15.60 42.03
N GLU B 225 13.72 -15.83 40.78
CA GLU B 225 15.16 -15.98 40.52
C GLU B 225 15.91 -14.69 40.79
N MET B 226 15.35 -13.56 40.36
CA MET B 226 16.05 -12.29 40.48
C MET B 226 16.18 -11.86 41.94
N TYR B 227 15.12 -12.06 42.73
CA TYR B 227 15.02 -11.46 44.04
C TYR B 227 14.90 -12.48 45.17
N LYS B 228 14.85 -13.78 44.85
CA LYS B 228 14.86 -14.84 45.85
C LYS B 228 13.62 -14.83 46.74
N THR B 229 12.57 -14.12 46.34
CA THR B 229 11.32 -14.07 47.10
C THR B 229 10.15 -14.11 46.14
N ASP B 230 9.09 -14.81 46.55
CA ASP B 230 7.86 -14.85 45.78
C ASP B 230 7.29 -13.44 45.63
N LEU B 231 6.87 -13.12 44.40
CA LEU B 231 6.16 -11.87 44.16
C LEU B 231 4.95 -11.74 45.06
N GLU B 232 4.21 -12.83 45.25
CA GLU B 232 3.04 -12.82 46.10
C GLU B 232 3.36 -12.32 47.51
N LYS B 233 4.48 -12.76 48.06
CA LYS B 233 4.83 -12.36 49.43
C LYS B 233 5.23 -10.89 49.50
N ASP B 234 5.84 -10.35 48.44
CA ASP B 234 6.15 -8.92 48.44
C ASP B 234 4.89 -8.09 48.26
N ILE B 235 3.89 -8.61 47.56
CA ILE B 235 2.62 -7.89 47.42
C ILE B 235 1.88 -7.87 48.74
N ILE B 236 1.87 -9.01 49.45
CA ILE B 236 1.20 -9.07 50.75
C ILE B 236 1.86 -8.14 51.75
N SER B 237 3.18 -7.97 51.65
CA SER B 237 3.90 -7.12 52.59
C SER B 237 3.72 -5.64 52.31
N ASP B 238 3.38 -5.27 51.09
CA ASP B 238 3.29 -3.87 50.71
C ASP B 238 1.88 -3.41 50.40
N THR B 239 0.88 -4.28 50.54
CA THR B 239 -0.51 -3.91 50.32
C THR B 239 -1.34 -4.41 51.50
N SER B 240 -2.58 -3.94 51.57
CA SER B 240 -3.48 -4.35 52.63
C SER B 240 -4.93 -4.19 52.15
N GLY B 241 -5.85 -4.67 52.98
CA GLY B 241 -7.27 -4.57 52.68
C GLY B 241 -7.66 -5.38 51.45
N ASP B 242 -8.80 -5.01 50.88
CA ASP B 242 -9.27 -5.67 49.67
C ASP B 242 -8.40 -5.36 48.47
N PHE B 243 -7.66 -4.25 48.50
CA PHE B 243 -6.69 -3.98 47.45
C PHE B 243 -5.63 -5.09 47.40
N ARG B 244 -5.18 -5.55 48.58
CA ARG B 244 -4.23 -6.66 48.65
C ARG B 244 -4.83 -7.93 48.05
N LYS B 245 -6.07 -8.26 48.42
CA LYS B 245 -6.69 -9.47 47.90
C LYS B 245 -6.79 -9.43 46.37
N LEU B 246 -7.17 -8.28 45.82
CA LEU B 246 -7.32 -8.17 44.38
C LEU B 246 -5.97 -8.28 43.66
N MET B 247 -4.93 -7.66 44.22
CA MET B 247 -3.60 -7.76 43.62
C MET B 247 -3.08 -9.19 43.69
N VAL B 248 -3.25 -9.85 44.84
CA VAL B 248 -2.78 -11.22 45.00
C VAL B 248 -3.51 -12.16 44.04
N ALA B 249 -4.81 -11.92 43.82
CA ALA B 249 -5.60 -12.79 42.96
C ALA B 249 -5.15 -12.68 41.51
N LEU B 250 -4.97 -11.45 41.02
CA LEU B 250 -4.56 -11.26 39.63
C LEU B 250 -3.15 -11.77 39.38
N ALA B 251 -2.26 -11.60 40.36
CA ALA B 251 -0.85 -11.92 40.13
C ALA B 251 -0.60 -13.41 39.98
N LYS B 252 -1.54 -14.26 40.39
CA LYS B 252 -1.37 -15.70 40.22
C LYS B 252 -1.37 -16.11 38.76
N GLY B 253 -1.98 -15.31 37.88
CA GLY B 253 -1.97 -15.62 36.47
C GLY B 253 -2.69 -16.91 36.12
N ARG B 254 -3.67 -17.31 36.90
CA ARG B 254 -4.43 -18.54 36.67
C ARG B 254 -5.88 -18.23 36.28
N ARG B 255 -6.05 -17.16 35.51
CA ARG B 255 -7.35 -16.86 34.93
C ARG B 255 -7.77 -18.00 34.00
N ALA B 256 -9.07 -18.25 33.95
CA ALA B 256 -9.59 -19.26 33.03
C ALA B 256 -9.18 -18.94 31.60
N GLU B 257 -8.71 -19.94 30.88
CA GLU B 257 -8.32 -19.73 29.50
C GLU B 257 -9.56 -19.57 28.62
N ASP B 258 -9.36 -18.91 27.48
CA ASP B 258 -10.45 -18.60 26.55
C ASP B 258 -11.13 -19.87 26.06
N GLY B 259 -12.38 -20.07 26.48
CA GLY B 259 -13.10 -21.27 26.12
C GLY B 259 -13.40 -21.34 24.63
N SER B 260 -13.84 -22.52 24.21
CA SER B 260 -14.27 -22.73 22.83
C SER B 260 -15.75 -22.44 22.63
N VAL B 261 -16.56 -22.61 23.67
CA VAL B 261 -17.97 -22.28 23.62
C VAL B 261 -18.23 -21.08 24.54
N ILE B 262 -19.15 -20.24 24.13
CA ILE B 262 -19.56 -19.09 24.92
C ILE B 262 -20.59 -19.55 25.93
N ASP B 263 -20.34 -19.29 27.22
CA ASP B 263 -21.22 -19.77 28.30
C ASP B 263 -22.22 -18.66 28.62
N TYR B 264 -23.31 -18.62 27.83
CA TYR B 264 -24.31 -17.57 27.99
C TYR B 264 -24.99 -17.62 29.35
N GLU B 265 -25.28 -18.83 29.86
CA GLU B 265 -25.91 -18.91 31.17
C GLU B 265 -25.01 -18.33 32.25
N LEU B 266 -23.70 -18.54 32.14
CA LEU B 266 -22.78 -17.99 33.12
C LEU B 266 -22.60 -16.50 32.93
N ILE B 267 -22.58 -16.05 31.67
CA ILE B 267 -22.50 -14.61 31.40
C ILE B 267 -23.63 -13.87 32.10
N ASP B 268 -24.86 -14.37 31.96
CA ASP B 268 -25.99 -13.72 32.61
C ASP B 268 -25.88 -13.81 34.12
N GLN B 269 -25.55 -14.98 34.65
CA GLN B 269 -25.49 -15.15 36.10
C GLN B 269 -24.40 -14.27 36.71
N ASP B 270 -23.22 -14.21 36.07
CA ASP B 270 -22.17 -13.31 36.54
C ASP B 270 -22.65 -11.86 36.55
N ALA B 271 -23.39 -11.45 35.51
CA ALA B 271 -23.89 -10.08 35.45
C ALA B 271 -24.79 -9.77 36.65
N ARG B 272 -25.74 -10.66 36.94
CA ARG B 272 -26.61 -10.46 38.11
C ARG B 272 -25.79 -10.40 39.38
N ASP B 273 -24.81 -11.29 39.53
CA ASP B 273 -24.04 -11.35 40.77
C ASP B 273 -23.22 -10.09 40.98
N LEU B 274 -22.66 -9.53 39.90
CA LEU B 274 -21.96 -8.25 40.02
C LEU B 274 -22.94 -7.13 40.39
N TYR B 275 -24.11 -7.12 39.76
CA TYR B 275 -25.14 -6.16 40.12
C TYR B 275 -25.63 -6.38 41.55
N ASP B 276 -25.88 -7.65 41.92
CA ASP B 276 -26.31 -7.95 43.28
C ASP B 276 -25.25 -7.61 44.31
N ALA B 277 -23.98 -7.69 43.95
CA ALA B 277 -22.92 -7.48 44.93
C ALA B 277 -22.60 -6.01 45.18
N GLY B 278 -23.13 -5.10 44.37
CA GLY B 278 -22.79 -3.70 44.52
C GLY B 278 -23.95 -2.74 44.41
N VAL B 279 -24.25 -2.29 43.19
CA VAL B 279 -25.22 -1.23 42.97
C VAL B 279 -26.59 -1.58 43.55
N LYS B 280 -26.94 -2.87 43.57
CA LYS B 280 -28.26 -3.27 44.06
C LYS B 280 -28.36 -3.25 45.59
N ARG B 281 -27.24 -3.30 46.31
CA ARG B 281 -27.27 -3.42 47.76
C ARG B 281 -26.63 -2.22 48.43
N LYS B 282 -26.91 -2.09 49.72
CA LYS B 282 -26.15 -1.20 50.58
C LYS B 282 -24.77 -1.79 50.79
N GLY B 283 -23.74 -0.95 50.70
CA GLY B 283 -22.41 -1.52 50.82
C GLY B 283 -22.00 -2.29 49.57
N THR B 284 -20.99 -3.14 49.73
CA THR B 284 -20.46 -3.88 48.59
C THR B 284 -19.93 -5.24 49.05
N ASP B 285 -20.31 -6.29 48.31
CA ASP B 285 -19.70 -7.61 48.43
C ASP B 285 -18.48 -7.61 47.52
N VAL B 286 -17.36 -7.13 48.04
CA VAL B 286 -16.11 -7.01 47.29
C VAL B 286 -15.54 -8.37 46.91
N PRO B 287 -15.53 -9.38 47.80
CA PRO B 287 -15.07 -10.71 47.38
C PRO B 287 -15.76 -11.22 46.11
N LYS B 288 -17.08 -11.03 46.01
CA LYS B 288 -17.79 -11.46 44.82
C LYS B 288 -17.25 -10.77 43.57
N TRP B 289 -16.98 -9.47 43.65
CA TRP B 289 -16.39 -8.76 42.53
C TRP B 289 -15.02 -9.32 42.17
N ILE B 290 -14.19 -9.62 43.18
CA ILE B 290 -12.84 -10.11 42.91
C ILE B 290 -12.87 -11.48 42.25
N SER B 291 -13.76 -12.37 42.73
CA SER B 291 -13.87 -13.70 42.15
C SER B 291 -14.18 -13.65 40.65
N ILE B 292 -15.24 -12.93 40.28
CA ILE B 292 -15.66 -12.94 38.88
C ILE B 292 -14.64 -12.24 38.00
N MET B 293 -14.09 -11.10 38.45
CA MET B 293 -13.21 -10.33 37.59
C MET B 293 -11.78 -10.89 37.52
N THR B 294 -11.42 -11.85 38.38
CA THR B 294 -10.11 -12.46 38.29
C THR B 294 -10.12 -13.88 37.74
N GLU B 295 -11.24 -14.59 37.82
CA GLU B 295 -11.27 -16.00 37.47
C GLU B 295 -11.91 -16.30 36.12
N ARG B 296 -12.81 -15.46 35.63
CA ARG B 296 -13.38 -15.68 34.31
C ARG B 296 -12.39 -15.26 33.23
N SER B 297 -12.56 -15.84 32.05
CA SER B 297 -11.70 -15.47 30.93
C SER B 297 -12.04 -14.06 30.47
N VAL B 298 -11.07 -13.44 29.79
CA VAL B 298 -11.28 -12.07 29.31
C VAL B 298 -12.45 -11.97 28.34
N PRO B 299 -12.56 -12.81 27.29
CA PRO B 299 -13.74 -12.70 26.42
C PRO B 299 -15.06 -12.94 27.16
N HIS B 300 -15.05 -13.79 28.17
CA HIS B 300 -16.25 -13.98 29.00
C HIS B 300 -16.62 -12.70 29.74
N LEU B 301 -15.66 -12.07 30.40
CA LEU B 301 -15.95 -10.86 31.16
C LEU B 301 -16.35 -9.71 30.25
N GLN B 302 -15.85 -9.68 29.01
CA GLN B 302 -16.28 -8.66 28.06
C GLN B 302 -17.79 -8.72 27.84
N LYS B 303 -18.31 -9.93 27.61
CA LYS B 303 -19.75 -10.10 27.47
C LYS B 303 -20.48 -9.88 28.79
N VAL B 304 -19.85 -10.25 29.90
CA VAL B 304 -20.47 -10.02 31.21
C VAL B 304 -20.68 -8.53 31.46
N PHE B 305 -19.72 -7.72 31.01
CA PHE B 305 -19.83 -6.28 31.25
C PHE B 305 -20.88 -5.64 30.37
N ASP B 306 -21.15 -6.21 29.20
CA ASP B 306 -22.26 -5.71 28.40
C ASP B 306 -23.60 -6.17 28.97
N ARG B 307 -23.70 -7.44 29.37
CA ARG B 307 -24.93 -7.93 29.99
C ARG B 307 -25.20 -7.23 31.31
N TYR B 308 -24.15 -6.82 32.01
CA TYR B 308 -24.31 -6.07 33.26
C TYR B 308 -25.09 -4.79 33.04
N LYS B 309 -24.91 -4.15 31.88
CA LYS B 309 -25.65 -2.93 31.58
C LYS B 309 -27.13 -3.18 31.41
N SER B 310 -27.56 -4.44 31.29
CA SER B 310 -28.98 -4.74 31.20
C SER B 310 -29.66 -4.74 32.56
N TYR B 311 -28.92 -5.06 33.63
CA TYR B 311 -29.49 -5.12 34.96
C TYR B 311 -29.31 -3.83 35.75
N SER B 312 -28.20 -3.11 35.55
CA SER B 312 -27.83 -1.93 36.30
C SER B 312 -27.97 -0.66 35.47
N PRO B 313 -28.42 0.45 36.05
CA PRO B 313 -28.50 1.69 35.29
C PRO B 313 -27.14 2.31 35.01
N TYR B 314 -26.11 1.90 35.72
CA TYR B 314 -24.74 2.38 35.52
C TYR B 314 -23.86 1.22 35.03
N ASP B 315 -22.97 1.51 34.09
CA ASP B 315 -22.12 0.46 33.56
C ASP B 315 -21.07 0.07 34.61
N MET B 316 -20.20 -0.88 34.24
CA MET B 316 -19.27 -1.43 35.22
C MET B 316 -18.33 -0.35 35.75
N LEU B 317 -17.83 0.52 34.87
CA LEU B 317 -16.91 1.56 35.30
C LEU B 317 -17.58 2.55 36.24
N GLU B 318 -18.78 3.03 35.87
N GLU B 318 -18.77 3.03 35.88
CA GLU B 318 -19.50 3.96 36.72
CA GLU B 318 -19.47 3.98 36.75
C GLU B 318 -19.89 3.31 38.05
C GLU B 318 -19.92 3.32 38.05
N SER B 319 -20.26 2.03 38.01
CA SER B 319 -20.61 1.32 39.23
C SER B 319 -19.42 1.26 40.19
N ILE B 320 -18.22 1.04 39.66
CA ILE B 320 -17.03 0.97 40.51
C ILE B 320 -16.82 2.30 41.22
N ARG B 321 -16.90 3.40 40.48
CA ARG B 321 -16.69 4.72 41.08
C ARG B 321 -17.69 5.00 42.19
N LYS B 322 -18.91 4.46 42.07
CA LYS B 322 -19.94 4.68 43.08
C LYS B 322 -19.81 3.74 44.27
N GLU B 323 -19.17 2.59 44.10
CA GLU B 323 -19.14 1.55 45.13
C GLU B 323 -17.87 1.57 45.99
N VAL B 324 -16.70 1.83 45.40
CA VAL B 324 -15.43 1.73 46.12
C VAL B 324 -14.60 2.98 45.88
N LYS B 325 -13.58 3.15 46.72
CA LYS B 325 -12.72 4.32 46.70
C LYS B 325 -11.26 3.87 46.79
N GLY B 326 -10.35 4.83 46.65
CA GLY B 326 -8.94 4.59 46.95
C GLY B 326 -8.25 3.66 45.95
N ASP B 327 -7.22 2.97 46.45
CA ASP B 327 -6.47 2.05 45.61
C ASP B 327 -7.37 0.95 45.05
N LEU B 328 -8.33 0.47 45.85
CA LEU B 328 -9.25 -0.57 45.38
C LEU B 328 -10.06 -0.08 44.18
N GLU B 329 -10.58 1.14 44.26
CA GLU B 329 -11.29 1.72 43.12
C GLU B 329 -10.38 1.85 41.91
N ASN B 330 -9.15 2.34 42.13
CA ASN B 330 -8.21 2.52 41.04
C ASN B 330 -7.90 1.18 40.36
N ALA B 331 -7.73 0.13 41.16
CA ALA B 331 -7.40 -1.18 40.61
C ALA B 331 -8.55 -1.74 39.77
N PHE B 332 -9.78 -1.67 40.27
CA PHE B 332 -10.92 -2.18 39.51
C PHE B 332 -11.10 -1.39 38.21
N LEU B 333 -10.94 -0.07 38.26
CA LEU B 333 -11.08 0.75 37.06
C LEU B 333 -10.04 0.36 36.01
N ASN B 334 -8.80 0.14 36.43
CA ASN B 334 -7.77 -0.32 35.50
C ASN B 334 -8.09 -1.70 34.94
N LEU B 335 -8.45 -2.63 35.83
CA LEU B 335 -8.70 -4.01 35.41
C LEU B 335 -9.83 -4.09 34.38
N VAL B 336 -10.89 -3.29 34.57
CA VAL B 336 -12.02 -3.33 33.65
C VAL B 336 -11.63 -2.80 32.28
N GLN B 337 -10.85 -1.72 32.25
CA GLN B 337 -10.38 -1.18 30.98
C GLN B 337 -9.51 -2.19 30.24
N CYS B 338 -8.65 -2.90 30.96
CA CYS B 338 -7.79 -3.90 30.33
C CYS B 338 -8.60 -5.06 29.78
N ILE B 339 -9.65 -5.46 30.48
CA ILE B 339 -10.52 -6.52 29.97
C ILE B 339 -11.26 -6.03 28.73
N GLN B 340 -11.74 -4.79 28.76
CA GLN B 340 -12.56 -4.28 27.67
C GLN B 340 -11.73 -3.94 26.44
N ASN B 341 -10.59 -3.27 26.62
CA ASN B 341 -9.76 -2.86 25.49
C ASN B 341 -8.37 -2.52 26.02
N LYS B 342 -7.45 -3.47 25.92
CA LYS B 342 -6.11 -3.28 26.47
C LYS B 342 -5.32 -2.23 25.68
N PRO B 343 -5.35 -2.25 24.34
CA PRO B 343 -4.68 -1.16 23.60
C PRO B 343 -5.23 0.21 23.91
N LEU B 344 -6.56 0.36 23.99
CA LEU B 344 -7.12 1.65 24.37
C LEU B 344 -6.69 2.04 25.77
N TYR B 345 -6.62 1.07 26.69
CA TYR B 345 -6.15 1.35 28.04
C TYR B 345 -4.76 1.98 28.03
N PHE B 346 -3.84 1.43 27.23
CA PHE B 346 -2.50 1.97 27.21
C PHE B 346 -2.45 3.32 26.52
N ALA B 347 -3.27 3.51 25.48
CA ALA B 347 -3.33 4.80 24.82
C ALA B 347 -3.86 5.87 25.75
N ASP B 348 -4.83 5.54 26.60
CA ASP B 348 -5.33 6.50 27.58
C ASP B 348 -4.26 6.83 28.62
N ARG B 349 -3.51 5.82 29.07
CA ARG B 349 -2.46 6.09 30.06
C ARG B 349 -1.31 6.86 29.44
N LEU B 350 -0.97 6.57 28.18
CA LEU B 350 0.04 7.36 27.49
C LEU B 350 -0.40 8.81 27.38
N TYR B 351 -1.68 9.04 27.06
CA TYR B 351 -2.20 10.40 27.00
C TYR B 351 -2.15 11.07 28.36
N ASP B 352 -2.52 10.36 29.43
CA ASP B 352 -2.48 10.97 30.75
C ASP B 352 -1.05 11.35 31.13
N SER B 353 -0.07 10.54 30.73
CA SER B 353 1.30 10.79 31.13
C SER B 353 1.91 12.00 30.44
N MET B 354 1.25 12.55 29.41
CA MET B 354 1.79 13.66 28.63
C MET B 354 0.87 14.86 28.54
N LYS B 355 -0.43 14.70 28.81
CA LYS B 355 -1.39 15.75 28.45
C LYS B 355 -1.13 17.06 29.19
N GLY B 356 -0.70 16.98 30.45
CA GLY B 356 -0.60 18.14 31.31
C GLY B 356 0.82 18.66 31.45
N LYS B 357 1.05 19.40 32.52
CA LYS B 357 2.36 20.00 32.75
C LYS B 357 3.42 18.92 32.90
N GLY B 358 4.54 19.08 32.20
CA GLY B 358 5.61 18.12 32.26
C GLY B 358 5.21 16.77 31.69
N THR B 359 5.95 15.74 32.12
CA THR B 359 5.72 14.38 31.64
C THR B 359 5.81 13.40 32.80
N ARG B 360 4.93 12.41 32.79
CA ARG B 360 5.03 11.26 33.70
C ARG B 360 5.96 10.23 33.06
N ASP B 361 7.26 10.57 33.06
CA ASP B 361 8.25 9.82 32.29
C ASP B 361 8.28 8.34 32.68
N LYS B 362 8.14 8.05 33.99
CA LYS B 362 8.15 6.67 34.43
C LYS B 362 7.07 5.85 33.74
N VAL B 363 5.86 6.40 33.63
CA VAL B 363 4.76 5.68 32.96
C VAL B 363 5.00 5.62 31.47
N LEU B 364 5.42 6.74 30.87
CA LEU B 364 5.63 6.78 29.43
C LEU B 364 6.70 5.78 29.00
N ILE B 365 7.84 5.78 29.69
CA ILE B 365 8.91 4.86 29.35
C ILE B 365 8.47 3.41 29.53
N ARG B 366 7.78 3.11 30.63
CA ARG B 366 7.40 1.73 30.90
C ARG B 366 6.46 1.19 29.82
N ILE B 367 5.54 2.01 29.34
CA ILE B 367 4.61 1.54 28.33
C ILE B 367 5.30 1.40 26.98
N MET B 368 6.08 2.40 26.58
CA MET B 368 6.75 2.31 25.28
C MET B 368 7.68 1.12 25.23
N VAL B 369 8.42 0.85 26.31
CA VAL B 369 9.32 -0.29 26.36
C VAL B 369 8.53 -1.60 26.32
N SER B 370 7.53 -1.73 27.18
CA SER B 370 6.88 -3.02 27.38
C SER B 370 5.96 -3.39 26.23
N ARG B 371 5.38 -2.43 25.53
CA ARG B 371 4.35 -2.72 24.55
C ARG B 371 4.79 -2.50 23.11
N SER B 372 6.04 -2.06 22.88
CA SER B 372 6.47 -1.80 21.51
C SER B 372 6.46 -3.06 20.65
N GLU B 373 6.75 -4.22 21.23
CA GLU B 373 6.71 -5.48 20.51
C GLU B 373 5.40 -6.24 20.69
N VAL B 374 4.51 -5.77 21.56
CA VAL B 374 3.29 -6.49 21.86
C VAL B 374 2.16 -5.99 20.96
N ASP B 375 1.65 -4.79 21.23
CA ASP B 375 0.47 -4.28 20.52
C ASP B 375 0.59 -2.78 20.27
N MET B 376 1.79 -2.32 19.93
CA MET B 376 1.98 -0.88 19.76
C MET B 376 1.17 -0.34 18.58
N LEU B 377 0.96 -1.17 17.55
CA LEU B 377 0.17 -0.72 16.40
C LEU B 377 -1.28 -0.51 16.78
N LYS B 378 -1.85 -1.41 17.58
CA LYS B 378 -3.21 -1.21 18.06
C LYS B 378 -3.30 -0.03 19.00
N ILE B 379 -2.29 0.18 19.86
CA ILE B 379 -2.27 1.32 20.75
C ILE B 379 -2.30 2.63 19.96
N ARG B 380 -1.47 2.71 18.91
CA ARG B 380 -1.43 3.90 18.08
C ARG B 380 -2.75 4.12 17.36
N SER B 381 -3.40 3.04 16.93
CA SER B 381 -4.67 3.17 16.23
C SER B 381 -5.74 3.73 17.15
N GLU B 382 -5.86 3.17 18.36
CA GLU B 382 -6.79 3.72 19.34
C GLU B 382 -6.43 5.16 19.70
N PHE B 383 -5.13 5.44 19.83
CA PHE B 383 -4.70 6.78 20.20
C PHE B 383 -5.08 7.80 19.15
N LYS B 384 -4.78 7.50 17.88
CA LYS B 384 -5.11 8.43 16.80
C LYS B 384 -6.62 8.61 16.69
N ARG B 385 -7.37 7.52 16.84
CA ARG B 385 -8.82 7.58 16.69
C ARG B 385 -9.46 8.45 17.77
N LYS B 386 -8.98 8.34 19.01
CA LYS B 386 -9.63 9.03 20.13
C LYS B 386 -9.16 10.47 20.24
N TYR B 387 -7.86 10.73 20.06
CA TYR B 387 -7.28 12.03 20.36
C TYR B 387 -7.02 12.87 19.12
N GLY B 388 -7.22 12.33 17.92
CA GLY B 388 -7.11 13.09 16.70
C GLY B 388 -5.70 13.34 16.21
N LYS B 389 -4.70 13.25 17.07
CA LYS B 389 -3.30 13.35 16.68
C LYS B 389 -2.59 12.08 17.11
N SER B 390 -1.46 11.81 16.47
CA SER B 390 -0.76 10.56 16.68
C SER B 390 -0.05 10.52 18.02
N LEU B 391 0.23 9.29 18.48
CA LEU B 391 1.10 9.10 19.64
C LEU B 391 2.49 9.65 19.37
N TYR B 392 2.98 9.49 18.14
CA TYR B 392 4.21 10.11 17.70
C TYR B 392 4.23 11.61 18.00
N TYR B 393 3.11 12.27 17.68
CA TYR B 393 2.98 13.72 17.88
C TYR B 393 3.14 14.09 19.35
N TYR B 394 2.41 13.40 20.24
CA TYR B 394 2.43 13.74 21.67
C TYR B 394 3.80 13.47 22.27
N ILE B 395 4.43 12.35 21.93
CA ILE B 395 5.80 12.08 22.37
C ILE B 395 6.71 13.21 21.91
N GLN B 396 6.49 13.70 20.70
CA GLN B 396 7.34 14.74 20.13
C GLN B 396 7.21 16.05 20.88
N GLN B 397 5.99 16.42 21.25
CA GLN B 397 5.81 17.68 21.98
C GLN B 397 6.38 17.60 23.38
N ASP B 398 6.28 16.43 24.03
CA ASP B 398 6.57 16.34 25.45
C ASP B 398 8.03 16.02 25.76
N THR B 399 8.77 15.41 24.84
CA THR B 399 10.15 15.03 25.10
C THR B 399 11.08 15.61 24.04
N LYS B 400 12.36 15.69 24.37
CA LYS B 400 13.38 16.26 23.50
C LYS B 400 14.63 15.40 23.53
N GLY B 401 15.56 15.72 22.63
CA GLY B 401 16.85 15.06 22.62
C GLY B 401 16.80 13.61 22.16
N ASP B 402 17.88 12.89 22.51
CA ASP B 402 17.98 11.48 22.13
C ASP B 402 16.93 10.64 22.85
N TYR B 403 16.52 11.07 24.05
CA TYR B 403 15.41 10.43 24.75
C TYR B 403 14.15 10.46 23.91
N GLN B 404 13.85 11.59 23.26
CA GLN B 404 12.71 11.66 22.36
C GLN B 404 12.86 10.70 21.20
N LYS B 405 14.04 10.66 20.58
CA LYS B 405 14.25 9.80 19.42
C LYS B 405 14.05 8.33 19.79
N ALA B 406 14.49 7.93 20.99
CA ALA B 406 14.32 6.55 21.41
C ALA B 406 12.83 6.19 21.50
N LEU B 407 12.02 7.10 22.06
CA LEU B 407 10.60 6.82 22.20
C LEU B 407 9.87 6.82 20.87
N LEU B 408 10.29 7.67 19.93
CA LEU B 408 9.70 7.66 18.60
C LEU B 408 9.99 6.36 17.86
N TYR B 409 11.22 5.85 17.99
CA TYR B 409 11.55 4.54 17.41
C TYR B 409 10.72 3.44 18.05
N LEU B 410 10.58 3.45 19.37
CA LEU B 410 9.73 2.46 20.02
C LEU B 410 8.28 2.61 19.59
N CYS B 411 7.88 3.81 19.18
CA CYS B 411 6.53 4.03 18.66
C CYS B 411 6.34 3.36 17.30
N GLY B 412 7.35 3.45 16.42
CA GLY B 412 7.34 2.80 15.13
C GLY B 412 7.11 3.74 13.95
N GLY B 413 6.39 4.83 14.17
CA GLY B 413 6.08 5.75 13.10
C GLY B 413 4.93 6.65 13.48
N ASP B 414 4.63 7.57 12.57
CA ASP B 414 3.57 8.55 12.80
C ASP B 414 2.21 7.97 12.41
N ASP B 415 1.17 8.51 13.02
CA ASP B 415 -0.17 7.91 13.01
C ASP B 415 -0.11 6.46 13.47
N LYS C 3 22.30 -14.07 3.99
CA LYS C 3 23.40 -14.98 4.28
C LYS C 3 22.89 -16.32 4.82
N HIS C 4 22.98 -17.35 3.97
CA HIS C 4 22.58 -18.72 4.30
C HIS C 4 21.13 -18.79 4.76
N PHE C 5 20.23 -18.43 3.85
CA PHE C 5 18.81 -18.70 4.00
C PHE C 5 18.29 -19.17 2.63
N ARG C 6 17.37 -20.14 2.65
CA ARG C 6 16.84 -20.71 1.42
C ARG C 6 15.69 -19.87 0.91
N GLU C 7 15.76 -19.49 -0.36
CA GLU C 7 14.72 -18.73 -1.04
C GLU C 7 14.60 -19.29 -2.45
N THR C 8 13.38 -19.68 -2.83
CA THR C 8 13.16 -20.38 -4.08
C THR C 8 12.04 -19.71 -4.86
N GLU C 9 12.27 -19.49 -6.14
CA GLU C 9 11.22 -19.01 -7.02
C GLU C 9 10.22 -20.13 -7.31
N VAL C 10 8.94 -19.84 -7.11
CA VAL C 10 7.91 -20.84 -7.37
C VAL C 10 6.77 -20.23 -8.19
CA CA D . 0.41 -20.63 -25.87
CA CA E . -0.26 -13.25 -36.73
CA CA F . -12.12 3.86 -50.24
CA CA G . -34.99 22.28 -42.59
CA CA H . -22.14 -8.60 -27.93
CA CA I . 27.05 12.59 23.41
CA CA J . 24.50 6.92 34.58
CA CA K . 6.69 -0.26 50.37
CA CA L . -23.72 -0.65 46.96
CA CA M . 3.07 17.35 28.97
#